data_8G6B
#
_entry.id   8G6B
#
_cell.length_a   92.499
_cell.length_b   92.499
_cell.length_c   173.681
_cell.angle_alpha   90.00
_cell.angle_beta   90.00
_cell.angle_gamma   120.00
#
_symmetry.space_group_name_H-M   'P 31 2 1'
#
loop_
_entity.id
_entity.type
_entity.pdbx_description
1 polymer 'Apical membrane antigen 1, rhoptry neck protein 2 chimera'
2 non-polymer 'SULFATE ION'
3 water water
#
_entity_poly.entity_id   1
_entity_poly.type   'polypeptide(L)'
_entity_poly.pdbx_seq_one_letter_code
;GSMGNYMGNPWTEYMAKYDIEEVHGSGIRVDLGEDAEVAGTQYRLPSGKCPVFGKGIIIENSKTTFLTPVATGNQYLKDG
GFAFPPTEPLMSPMTLDDMRLLYKDNEDVKNLDELTLCSRHAGNMIPDNDKNSNYKYPAVYDDKDKKCHILYIAAQENNG
PRYCNKDESKRNSMFCFRPAKDISFQNLVYLSKNVVHNWEKVCPRKNLQNAKFGLWVDGNCEDIPHVNEFSANDLFECNK
LVFELSASDQPKQYEQHLTQQAKDIGAGPVASCFTTRMSPPQQICLNSVVNTALSGGSGGGNAAMIKSAFLPTGAFKADR
YKSHGKGYNWGNYNTETQKCEIFNVKPTCLINDKNYIATTALSHPIEVEAAA
;
_entity_poly.pdbx_strand_id   A,B
#
# COMPACT_ATOMS: atom_id res chain seq x y z
N TYR A 6 4.82 10.31 32.51
CA TYR A 6 5.45 11.33 31.69
C TYR A 6 4.43 12.17 30.94
N MET A 7 3.15 11.98 31.24
N MET A 7 3.16 11.91 31.19
CA MET A 7 2.06 12.71 30.61
CA MET A 7 2.06 12.66 30.61
C MET A 7 2.25 12.81 29.10
C MET A 7 2.23 12.80 29.11
N GLY A 8 2.66 11.70 28.49
CA GLY A 8 2.91 11.68 27.07
C GLY A 8 3.59 10.38 26.70
N ASN A 9 3.79 10.19 25.42
CA ASN A 9 4.47 9.02 24.89
C ASN A 9 5.99 9.14 25.10
N PRO A 10 6.59 8.27 25.94
CA PRO A 10 8.01 8.37 26.25
C PRO A 10 8.94 8.11 25.08
N TRP A 11 8.38 7.53 24.03
CA TRP A 11 9.15 7.15 22.83
C TRP A 11 9.30 8.32 21.85
N THR A 12 8.67 9.44 22.15
CA THR A 12 8.56 10.52 21.19
C THR A 12 9.90 10.98 20.58
N GLU A 13 10.93 11.20 21.42
CA GLU A 13 12.19 11.70 20.91
C GLU A 13 12.83 10.69 19.97
N TYR A 14 12.86 9.42 20.38
CA TYR A 14 13.52 8.39 19.58
C TYR A 14 12.77 8.12 18.29
N MET A 15 11.45 8.22 18.32
CA MET A 15 10.65 7.83 17.16
C MET A 15 10.46 8.95 16.14
N ALA A 16 10.91 10.17 16.44
CA ALA A 16 10.70 11.30 15.52
C ALA A 16 11.29 11.01 14.14
N LYS A 17 12.44 10.34 14.10
CA LYS A 17 13.09 10.08 12.81
C LYS A 17 12.33 9.07 11.96
N TYR A 18 11.33 8.38 12.52
CA TYR A 18 10.59 7.40 11.74
C TYR A 18 9.29 7.99 11.20
N ASP A 19 9.04 9.26 11.46
CA ASP A 19 7.90 9.96 10.84
C ASP A 19 8.38 10.46 9.50
N ILE A 20 8.38 9.55 8.52
CA ILE A 20 9.03 9.83 7.25
C ILE A 20 8.33 10.93 6.41
N GLU A 21 7.00 11.04 6.52
CA GLU A 21 6.31 12.19 5.89
C GLU A 21 6.85 13.52 6.36
N GLU A 22 7.11 13.58 7.65
CA GLU A 22 7.61 14.79 8.29
C GLU A 22 9.09 15.03 8.00
N VAL A 23 9.95 14.04 8.26
CA VAL A 23 11.38 14.32 8.23
C VAL A 23 11.95 14.17 6.83
N HIS A 24 11.31 13.35 5.99
CA HIS A 24 11.78 13.19 4.61
C HIS A 24 10.88 13.98 3.64
N GLY A 25 9.59 13.69 3.63
CA GLY A 25 8.63 14.56 2.97
C GLY A 25 8.55 14.43 1.46
N SER A 26 9.12 13.36 0.92
CA SER A 26 9.08 13.15 -0.52
C SER A 26 9.15 11.66 -0.81
N GLY A 27 9.10 11.27 -2.08
CA GLY A 27 9.29 9.87 -2.42
C GLY A 27 10.65 9.35 -1.97
N ILE A 28 10.71 8.04 -1.86
CA ILE A 28 11.92 7.31 -1.48
C ILE A 28 12.37 6.47 -2.67
N ARG A 29 11.55 5.54 -3.13
CA ARG A 29 11.91 4.71 -4.28
CA ARG A 29 11.93 4.72 -4.28
C ARG A 29 12.26 5.62 -5.47
N VAL A 30 11.32 6.54 -5.80
CA VAL A 30 11.52 7.60 -6.77
C VAL A 30 11.16 8.90 -6.09
N ASP A 31 12.13 9.80 -6.04
CA ASP A 31 12.00 11.11 -5.41
C ASP A 31 11.95 12.18 -6.47
N LEU A 32 10.76 12.75 -6.67
CA LEU A 32 10.54 13.89 -7.58
C LEU A 32 9.52 14.83 -6.95
N GLY A 33 9.81 15.29 -5.74
CA GLY A 33 8.80 15.91 -4.90
C GLY A 33 8.65 17.42 -5.08
N GLU A 34 9.44 17.99 -5.97
CA GLU A 34 9.37 19.42 -6.25
C GLU A 34 9.46 19.66 -7.73
N ASP A 35 9.18 20.90 -8.10
CA ASP A 35 9.31 21.35 -9.46
C ASP A 35 10.20 22.58 -9.44
N ALA A 36 10.98 22.76 -10.50
CA ALA A 36 11.83 23.93 -10.62
C ALA A 36 11.85 24.42 -12.06
N GLU A 37 11.96 25.73 -12.26
CA GLU A 37 12.00 26.30 -13.60
C GLU A 37 13.41 26.55 -14.08
N VAL A 38 13.64 26.27 -15.35
CA VAL A 38 14.81 26.76 -16.06
C VAL A 38 14.33 27.47 -17.33
N ALA A 39 14.41 28.80 -17.32
CA ALA A 39 14.03 29.61 -18.47
C ALA A 39 12.60 29.30 -18.93
N GLY A 40 11.66 29.34 -17.99
CA GLY A 40 10.25 29.22 -18.33
C GLY A 40 9.74 27.81 -18.61
N THR A 41 10.62 26.82 -18.57
CA THR A 41 10.21 25.42 -18.64
C THR A 41 10.31 24.82 -17.25
N GLN A 42 9.29 24.06 -16.85
CA GLN A 42 9.26 23.45 -15.53
C GLN A 42 9.70 22.00 -15.58
N TYR A 43 10.48 21.60 -14.58
CA TYR A 43 11.05 20.25 -14.50
C TYR A 43 10.79 19.68 -13.13
N ARG A 44 10.59 18.36 -13.07
CA ARG A 44 10.52 17.68 -11.77
C ARG A 44 11.93 17.47 -11.23
N LEU A 45 12.10 17.53 -9.92
CA LEU A 45 13.41 17.16 -9.37
C LEU A 45 13.31 16.65 -7.93
N PRO A 46 14.32 15.88 -7.52
CA PRO A 46 14.27 15.29 -6.17
C PRO A 46 14.30 16.35 -5.07
N SER A 47 13.60 16.07 -3.98
CA SER A 47 13.45 17.05 -2.90
C SER A 47 13.43 16.47 -1.50
N GLY A 48 13.71 15.17 -1.36
CA GLY A 48 13.66 14.55 -0.05
C GLY A 48 14.71 15.09 0.93
N LYS A 49 14.34 15.23 2.19
CA LYS A 49 15.23 15.84 3.17
C LYS A 49 16.20 14.86 3.86
N CYS A 50 15.95 13.55 3.69
CA CYS A 50 16.82 12.52 4.26
C CYS A 50 17.64 11.84 3.18
N PRO A 51 18.86 11.42 3.54
CA PRO A 51 19.62 10.55 2.63
C PRO A 51 18.98 9.18 2.47
N VAL A 52 19.15 8.54 1.30
CA VAL A 52 18.61 7.22 1.05
C VAL A 52 19.78 6.28 0.92
N PHE A 53 19.96 5.46 1.95
CA PHE A 53 21.14 4.61 2.02
C PHE A 53 20.98 3.35 1.18
N GLY A 54 21.94 3.12 0.28
CA GLY A 54 21.96 1.92 -0.54
C GLY A 54 21.21 1.99 -1.85
N LYS A 55 20.68 3.16 -2.17
CA LYS A 55 19.95 3.35 -3.43
C LYS A 55 20.87 3.71 -4.58
N GLY A 56 20.74 2.95 -5.65
CA GLY A 56 21.36 3.29 -6.92
C GLY A 56 20.34 3.10 -8.02
N ILE A 57 20.78 3.35 -9.26
CA ILE A 57 19.95 3.15 -10.44
C ILE A 57 20.56 2.03 -11.27
N ILE A 58 19.76 1.01 -11.58
CA ILE A 58 20.15 -0.04 -12.50
C ILE A 58 19.79 0.35 -13.93
N ILE A 59 20.76 0.29 -14.83
CA ILE A 59 20.49 0.51 -16.25
C ILE A 59 20.31 -0.87 -16.88
N GLU A 60 19.14 -1.11 -17.47
CA GLU A 60 18.81 -2.43 -17.97
C GLU A 60 19.69 -2.83 -19.16
N ASN A 61 20.17 -4.07 -19.13
CA ASN A 61 20.98 -4.63 -20.23
C ASN A 61 22.16 -3.73 -20.57
N SER A 62 22.93 -3.41 -19.56
CA SER A 62 24.17 -2.66 -19.73
C SER A 62 25.16 -3.14 -18.69
N LYS A 63 26.43 -3.17 -19.05
CA LYS A 63 27.49 -3.44 -18.10
C LYS A 63 28.01 -2.11 -17.56
N THR A 64 27.44 -1.02 -18.05
CA THR A 64 27.85 0.31 -17.63
C THR A 64 27.04 0.76 -16.41
N THR A 65 27.75 1.12 -15.37
CA THR A 65 27.10 1.50 -14.13
C THR A 65 26.68 2.97 -14.18
N PHE A 66 25.64 3.30 -13.41
CA PHE A 66 25.06 4.63 -13.51
C PHE A 66 25.97 5.77 -13.03
N LEU A 67 27.02 5.50 -12.24
CA LEU A 67 27.91 6.57 -11.86
C LEU A 67 28.94 6.91 -12.96
N THR A 68 28.92 6.14 -14.05
CA THR A 68 29.69 6.51 -15.23
C THR A 68 29.15 7.85 -15.75
N PRO A 69 30.04 8.76 -16.18
CA PRO A 69 29.55 9.98 -16.81
C PRO A 69 28.57 9.74 -17.96
N VAL A 70 27.60 10.63 -18.09
CA VAL A 70 26.70 10.61 -19.23
C VAL A 70 27.54 10.67 -20.51
N ALA A 71 27.04 10.03 -21.55
CA ALA A 71 27.63 10.10 -22.87
C ALA A 71 27.72 11.56 -23.34
N THR A 72 28.88 11.94 -23.83
CA THR A 72 29.09 13.28 -24.39
C THR A 72 29.77 13.16 -25.74
N GLY A 73 29.88 14.28 -26.45
CA GLY A 73 30.57 14.30 -27.74
C GLY A 73 29.88 13.37 -28.71
N ASN A 74 30.64 12.42 -29.25
CA ASN A 74 30.11 11.46 -30.20
C ASN A 74 29.84 10.08 -29.58
N GLN A 75 29.96 10.00 -28.26
CA GLN A 75 29.67 8.75 -27.55
C GLN A 75 28.22 8.32 -27.70
N TYR A 76 28.01 7.01 -27.76
CA TYR A 76 26.65 6.45 -27.77
C TYR A 76 26.06 6.54 -26.39
N LEU A 77 24.75 6.80 -26.34
CA LEU A 77 24.04 6.99 -25.08
C LEU A 77 24.29 5.86 -24.10
N LYS A 78 24.16 4.62 -24.56
CA LYS A 78 24.27 3.46 -23.67
C LYS A 78 25.70 3.17 -23.23
N ASP A 79 26.68 3.88 -23.78
CA ASP A 79 28.06 3.69 -23.31
C ASP A 79 28.37 4.62 -22.13
N GLY A 80 27.37 5.41 -21.72
CA GLY A 80 27.50 6.28 -20.59
C GLY A 80 26.50 5.95 -19.48
N GLY A 81 26.65 6.65 -18.36
CA GLY A 81 25.72 6.54 -17.24
C GLY A 81 24.92 7.80 -17.01
N PHE A 82 24.78 8.19 -15.75
CA PHE A 82 23.93 9.30 -15.31
C PHE A 82 24.71 10.49 -14.75
N ALA A 83 26.02 10.31 -14.52
CA ALA A 83 26.76 11.27 -13.72
C ALA A 83 27.24 12.44 -14.57
N PHE A 84 27.54 13.55 -13.91
CA PHE A 84 28.13 14.67 -14.60
C PHE A 84 29.36 14.23 -15.34
N PRO A 85 29.49 14.68 -16.58
CA PRO A 85 30.78 14.49 -17.22
C PRO A 85 31.79 15.51 -16.73
N PRO A 86 33.05 15.33 -17.12
CA PRO A 86 34.11 16.24 -16.68
C PRO A 86 33.81 17.68 -17.04
N THR A 87 34.17 18.60 -16.16
CA THR A 87 33.98 20.02 -16.37
C THR A 87 35.31 20.77 -16.23
N GLU A 88 35.30 22.00 -16.73
CA GLU A 88 36.37 22.96 -16.46
C GLU A 88 35.74 24.15 -15.74
N PRO A 89 36.18 24.42 -14.50
CA PRO A 89 37.06 23.61 -13.67
C PRO A 89 36.35 22.32 -13.26
N LEU A 90 37.11 21.43 -12.65
CA LEU A 90 36.61 20.14 -12.22
C LEU A 90 35.53 20.30 -11.18
N MET A 91 34.51 19.47 -11.28
CA MET A 91 33.46 19.48 -10.27
C MET A 91 33.09 18.07 -9.81
N SER A 92 32.91 17.15 -10.75
CA SER A 92 32.46 15.78 -10.40
C SER A 92 33.20 14.75 -11.21
N PRO A 93 33.56 13.60 -10.61
CA PRO A 93 33.38 13.33 -9.18
C PRO A 93 34.42 14.08 -8.37
N MET A 94 34.22 14.22 -7.07
CA MET A 94 35.17 14.93 -6.24
C MET A 94 35.30 14.24 -4.88
N THR A 95 36.54 14.02 -4.45
CA THR A 95 36.77 13.44 -3.13
C THR A 95 36.33 14.40 -2.03
N LEU A 96 36.04 13.84 -0.86
CA LEU A 96 35.70 14.66 0.29
C LEU A 96 36.77 15.71 0.56
N ASP A 97 38.02 15.29 0.46
CA ASP A 97 39.13 16.19 0.75
C ASP A 97 39.18 17.34 -0.24
N ASP A 98 39.00 17.05 -1.53
CA ASP A 98 39.01 18.10 -2.54
C ASP A 98 37.79 19.02 -2.41
N MET A 99 36.64 18.50 -1.96
CA MET A 99 35.49 19.35 -1.73
C MET A 99 35.78 20.37 -0.62
N ARG A 100 36.43 19.91 0.45
CA ARG A 100 36.67 20.80 1.57
C ARG A 100 37.64 21.90 1.14
N LEU A 101 38.63 21.54 0.33
CA LEU A 101 39.58 22.51 -0.22
C LEU A 101 38.86 23.52 -1.13
N LEU A 102 38.00 23.02 -2.00
CA LEU A 102 37.26 23.88 -2.93
C LEU A 102 36.47 24.94 -2.16
N TYR A 103 35.92 24.58 -1.00
CA TYR A 103 35.02 25.47 -0.27
C TYR A 103 35.63 26.03 1.01
N LYS A 104 36.97 26.02 1.09
CA LYS A 104 37.67 26.41 2.32
C LYS A 104 37.35 27.84 2.76
N ASP A 105 37.02 28.71 1.81
CA ASP A 105 36.72 30.10 2.16
C ASP A 105 35.22 30.38 2.21
N ASN A 106 34.39 29.34 2.07
CA ASN A 106 32.95 29.48 2.30
C ASN A 106 32.63 29.01 3.72
N GLU A 107 32.41 29.97 4.61
CA GLU A 107 32.28 29.71 6.04
C GLU A 107 31.17 28.71 6.37
N ASP A 108 30.02 28.84 5.72
CA ASP A 108 28.84 28.05 6.04
C ASP A 108 28.83 26.66 5.38
N VAL A 109 29.92 26.28 4.73
CA VAL A 109 29.95 25.06 3.93
C VAL A 109 31.19 24.20 4.21
N LYS A 110 32.32 24.84 4.48
CA LYS A 110 33.60 24.14 4.57
C LYS A 110 33.64 23.00 5.60
N ASN A 111 32.85 23.11 6.66
CA ASN A 111 32.87 22.11 7.72
C ASN A 111 31.59 21.27 7.82
N LEU A 112 30.74 21.33 6.79
CA LEU A 112 29.60 20.44 6.73
C LEU A 112 30.04 18.98 6.74
N ASP A 113 29.17 18.10 7.24
CA ASP A 113 29.42 16.66 7.18
C ASP A 113 29.45 16.22 5.72
N GLU A 114 30.06 15.07 5.45
CA GLU A 114 30.34 14.67 4.09
C GLU A 114 29.08 14.55 3.21
N LEU A 115 27.96 14.04 3.74
CA LEU A 115 26.75 13.93 2.92
C LEU A 115 26.14 15.28 2.59
N THR A 116 26.03 16.14 3.59
CA THR A 116 25.43 17.46 3.38
C THR A 116 26.33 18.25 2.43
N LEU A 117 27.64 18.12 2.60
CA LEU A 117 28.60 18.81 1.74
C LEU A 117 28.41 18.37 0.30
N CYS A 118 28.27 17.06 0.10
CA CYS A 118 28.09 16.52 -1.25
C CYS A 118 26.82 17.11 -1.89
N SER A 119 25.75 17.18 -1.12
CA SER A 119 24.50 17.74 -1.58
C SER A 119 24.66 19.20 -1.97
N ARG A 120 25.31 19.98 -1.11
CA ARG A 120 25.51 21.41 -1.39
C ARG A 120 26.43 21.63 -2.58
N HIS A 121 27.45 20.79 -2.71
CA HIS A 121 28.35 20.83 -3.86
C HIS A 121 27.57 20.61 -5.17
N ALA A 122 26.73 19.59 -5.17
CA ALA A 122 25.93 19.27 -6.34
C ALA A 122 24.98 20.42 -6.67
N GLY A 123 24.52 21.11 -5.63
CA GLY A 123 23.53 22.17 -5.78
C GLY A 123 24.14 23.52 -6.11
N ASN A 124 25.44 23.55 -6.32
CA ASN A 124 26.13 24.81 -6.58
C ASN A 124 25.93 25.28 -8.03
N MET A 125 25.81 24.34 -8.97
CA MET A 125 25.79 24.71 -10.38
C MET A 125 24.38 25.10 -10.85
N ILE A 126 24.33 26.26 -11.50
CA ILE A 126 23.11 26.83 -12.07
C ILE A 126 23.22 26.72 -13.59
N PRO A 127 22.26 26.04 -14.24
CA PRO A 127 22.28 26.07 -15.72
C PRO A 127 22.35 27.51 -16.23
N ASP A 128 23.22 27.80 -17.20
CA ASP A 128 23.54 29.21 -17.52
C ASP A 128 22.49 29.87 -18.42
N ASN A 129 21.42 29.15 -18.71
CA ASN A 129 20.29 29.70 -19.46
C ASN A 129 19.37 30.53 -18.58
N ASP A 130 19.53 30.41 -17.26
CA ASP A 130 18.64 31.08 -16.32
C ASP A 130 19.34 31.30 -14.99
N LYS A 131 19.91 32.49 -14.84
CA LYS A 131 20.67 32.83 -13.63
C LYS A 131 19.86 32.69 -12.35
N ASN A 132 18.55 32.89 -12.44
CA ASN A 132 17.69 32.89 -11.28
C ASN A 132 17.04 31.53 -11.03
N SER A 133 17.54 30.49 -11.70
CA SER A 133 16.93 29.17 -11.59
C SER A 133 17.15 28.57 -10.22
N ASN A 134 16.17 27.80 -9.77
CA ASN A 134 16.24 27.07 -8.52
C ASN A 134 16.43 25.58 -8.79
N TYR A 135 16.78 25.23 -10.03
CA TYR A 135 17.07 23.84 -10.37
C TYR A 135 18.41 23.42 -9.77
N LYS A 136 18.38 22.38 -8.93
CA LYS A 136 19.61 21.87 -8.30
C LYS A 136 19.71 20.37 -8.53
N TYR A 137 20.84 19.95 -9.08
CA TYR A 137 21.06 18.54 -9.39
C TYR A 137 21.21 17.73 -8.13
N PRO A 138 20.72 16.48 -8.15
CA PRO A 138 20.95 15.55 -7.04
C PRO A 138 22.33 14.95 -7.13
N ALA A 139 22.68 14.13 -6.14
CA ALA A 139 24.01 13.55 -6.05
C ALA A 139 23.99 12.19 -5.41
N VAL A 140 25.07 11.47 -5.64
CA VAL A 140 25.31 10.20 -4.95
C VAL A 140 26.65 10.29 -4.25
N TYR A 141 26.69 10.00 -2.96
CA TYR A 141 27.96 9.92 -2.26
C TYR A 141 28.35 8.45 -2.13
N ASP A 142 29.59 8.14 -2.47
CA ASP A 142 30.14 6.80 -2.29
C ASP A 142 30.91 6.78 -0.96
N ASP A 143 30.35 6.10 0.03
CA ASP A 143 30.88 6.13 1.39
C ASP A 143 32.19 5.35 1.47
N LYS A 144 32.39 4.42 0.56
CA LYS A 144 33.61 3.61 0.57
C LYS A 144 34.81 4.42 0.07
N ASP A 145 34.61 5.07 -1.07
CA ASP A 145 35.62 5.91 -1.71
C ASP A 145 35.70 7.33 -1.16
N LYS A 146 34.69 7.75 -0.40
CA LYS A 146 34.57 9.10 0.08
C LYS A 146 34.59 10.07 -1.11
N LYS A 147 33.68 9.82 -2.05
CA LYS A 147 33.64 10.54 -3.31
C LYS A 147 32.20 10.95 -3.63
N CYS A 148 32.03 12.21 -4.04
CA CYS A 148 30.74 12.80 -4.38
C CYS A 148 30.60 12.77 -5.89
N HIS A 149 29.47 12.26 -6.35
CA HIS A 149 29.12 12.22 -7.77
C HIS A 149 27.87 13.06 -8.00
N ILE A 150 27.99 14.12 -8.77
CA ILE A 150 26.85 14.93 -9.11
C ILE A 150 26.12 14.23 -10.28
N LEU A 151 24.81 14.07 -10.17
CA LEU A 151 24.04 13.40 -11.21
C LEU A 151 23.53 14.41 -12.21
N TYR A 152 23.84 14.19 -13.48
CA TYR A 152 23.31 15.02 -14.55
C TYR A 152 21.87 14.65 -14.85
N ILE A 153 21.57 13.35 -14.83
CA ILE A 153 20.22 12.83 -15.02
C ILE A 153 19.56 12.66 -13.65
N ALA A 154 18.48 13.39 -13.41
CA ALA A 154 17.72 13.31 -12.16
C ALA A 154 16.59 12.29 -12.23
N ALA A 155 16.26 11.81 -13.42
CA ALA A 155 15.26 10.77 -13.56
C ALA A 155 15.75 9.52 -12.85
N GLN A 156 14.84 8.71 -12.33
CA GLN A 156 15.24 7.49 -11.60
C GLN A 156 14.61 6.21 -12.15
N GLU A 157 13.54 6.35 -12.95
CA GLU A 157 12.94 5.18 -13.58
C GLU A 157 12.36 5.53 -14.94
N ASN A 158 12.61 4.65 -15.89
CA ASN A 158 12.08 4.79 -17.25
C ASN A 158 11.85 3.40 -17.81
N ASN A 159 10.62 3.12 -18.25
CA ASN A 159 10.26 1.83 -18.81
C ASN A 159 9.15 2.00 -19.85
N GLY A 160 8.83 0.92 -20.55
CA GLY A 160 7.84 0.94 -21.62
C GLY A 160 8.56 1.01 -22.96
N PRO A 161 8.34 0.01 -23.86
CA PRO A 161 9.04 -0.03 -25.15
C PRO A 161 8.98 1.27 -25.95
N ARG A 162 7.97 2.08 -25.67
CA ARG A 162 7.77 3.34 -26.35
C ARG A 162 8.79 4.41 -25.92
N TYR A 163 9.23 4.32 -24.67
CA TYR A 163 9.96 5.39 -24.01
C TYR A 163 11.43 5.04 -23.77
N CYS A 164 11.77 3.78 -24.01
CA CYS A 164 13.13 3.30 -23.92
C CYS A 164 13.25 2.05 -24.76
N ASN A 165 14.48 1.60 -24.96
CA ASN A 165 14.79 0.42 -25.77
C ASN A 165 15.79 -0.47 -25.06
N LYS A 166 15.38 -1.70 -24.76
CA LYS A 166 16.20 -2.63 -24.00
C LYS A 166 17.25 -3.34 -24.85
N ASP A 167 17.13 -3.22 -26.17
CA ASP A 167 18.01 -3.91 -27.11
C ASP A 167 19.43 -3.34 -27.08
N GLU A 168 20.39 -4.19 -26.75
CA GLU A 168 21.79 -3.79 -26.59
C GLU A 168 22.44 -3.31 -27.88
N SER A 169 21.86 -3.66 -29.02
CA SER A 169 22.45 -3.31 -30.32
C SER A 169 22.00 -1.93 -30.80
N LYS A 170 20.97 -1.38 -30.16
CA LYS A 170 20.55 -0.01 -30.41
C LYS A 170 21.27 0.91 -29.42
N ARG A 171 22.48 1.32 -29.78
CA ARG A 171 23.39 1.95 -28.83
C ARG A 171 23.01 3.37 -28.43
N ASN A 172 22.25 4.04 -29.30
CA ASN A 172 21.92 5.44 -29.11
C ASN A 172 20.46 5.70 -28.81
N SER A 173 19.72 4.62 -28.55
CA SER A 173 18.34 4.75 -28.08
C SER A 173 18.34 4.92 -26.56
N MET A 174 17.31 5.58 -26.04
CA MET A 174 17.17 5.79 -24.60
C MET A 174 17.16 4.47 -23.86
N PHE A 175 17.98 4.35 -22.81
CA PHE A 175 18.01 3.13 -22.01
C PHE A 175 16.83 3.11 -21.02
N CYS A 176 16.50 1.91 -20.59
CA CYS A 176 15.49 1.68 -19.55
C CYS A 176 16.26 1.61 -18.25
N PHE A 177 15.66 2.05 -17.16
CA PHE A 177 16.37 2.02 -15.88
C PHE A 177 15.39 2.05 -14.72
N ARG A 178 15.89 1.68 -13.54
CA ARG A 178 15.04 1.65 -12.35
C ARG A 178 15.91 1.81 -11.11
N PRO A 179 15.33 2.38 -10.06
CA PRO A 179 16.08 2.46 -8.79
C PRO A 179 16.05 1.10 -8.11
N ALA A 180 17.06 0.87 -7.29
CA ALA A 180 17.16 -0.41 -6.59
C ALA A 180 18.06 -0.29 -5.40
N LYS A 181 17.78 -1.17 -4.45
CA LYS A 181 18.77 -1.54 -3.47
C LYS A 181 19.31 -2.89 -3.86
N ASP A 182 20.58 -2.86 -4.12
CA ASP A 182 21.31 -3.98 -4.65
C ASP A 182 22.63 -3.95 -3.92
N ILE A 183 23.21 -5.13 -3.68
CA ILE A 183 24.45 -5.19 -2.93
C ILE A 183 25.55 -4.32 -3.55
N SER A 184 25.56 -4.19 -4.88
CA SER A 184 26.56 -3.36 -5.53
C SER A 184 26.43 -1.86 -5.18
N PHE A 185 25.28 -1.47 -4.65
CA PHE A 185 25.03 -0.08 -4.27
C PHE A 185 25.12 0.14 -2.76
N GLN A 186 25.58 -0.86 -2.01
CA GLN A 186 25.43 -0.76 -0.55
C GLN A 186 26.16 0.42 0.08
N ASN A 187 27.24 0.89 -0.54
CA ASN A 187 28.01 2.00 0.01
C ASN A 187 27.61 3.34 -0.56
N LEU A 188 26.60 3.34 -1.42
CA LEU A 188 26.10 4.58 -2.02
C LEU A 188 25.01 5.20 -1.19
N VAL A 189 24.92 6.52 -1.27
CA VAL A 189 23.89 7.29 -0.60
C VAL A 189 23.28 8.26 -1.60
N TYR A 190 21.98 8.14 -1.87
CA TYR A 190 21.29 9.00 -2.85
C TYR A 190 20.84 10.28 -2.13
N LEU A 191 21.23 11.42 -2.67
CA LEU A 191 21.05 12.71 -2.01
C LEU A 191 20.30 13.72 -2.86
N SER A 192 19.11 14.13 -2.43
CA SER A 192 18.48 15.28 -3.13
C SER A 192 19.14 16.59 -2.70
N LYS A 193 18.73 17.67 -3.38
CA LYS A 193 19.21 19.00 -3.06
C LYS A 193 18.85 19.49 -1.65
N ASN A 194 17.87 18.83 -1.02
CA ASN A 194 17.29 19.27 0.26
C ASN A 194 17.79 18.52 1.48
N VAL A 195 18.78 17.64 1.32
CA VAL A 195 19.24 16.85 2.47
C VAL A 195 19.65 17.78 3.61
N VAL A 196 19.08 17.53 4.77
CA VAL A 196 19.30 18.43 5.90
C VAL A 196 20.62 18.20 6.62
N HIS A 197 21.21 19.29 7.10
CA HIS A 197 22.55 19.25 7.66
C HIS A 197 22.67 18.34 8.88
N ASN A 198 21.57 18.12 9.60
CA ASN A 198 21.58 17.28 10.79
C ASN A 198 20.88 15.95 10.55
N TRP A 199 20.95 15.43 9.32
CA TRP A 199 20.38 14.13 9.04
C TRP A 199 20.83 13.05 10.01
N GLU A 200 22.03 13.21 10.59
CA GLU A 200 22.58 12.21 11.50
C GLU A 200 21.64 12.05 12.70
N LYS A 201 20.96 13.13 13.06
CA LYS A 201 20.09 13.17 14.24
C LYS A 201 18.62 12.95 13.91
N VAL A 202 18.17 13.42 12.74
CA VAL A 202 16.73 13.44 12.48
C VAL A 202 16.26 12.43 11.43
N CYS A 203 17.18 11.68 10.80
CA CYS A 203 16.82 10.68 9.79
C CYS A 203 17.21 9.23 10.17
N PRO A 204 16.49 8.21 9.64
CA PRO A 204 16.93 6.81 9.83
C PRO A 204 18.24 6.50 9.15
N ARG A 205 18.95 5.49 9.64
CA ARG A 205 20.10 4.95 8.91
C ARG A 205 20.21 3.46 9.11
N LYS A 206 20.41 3.04 10.36
CA LYS A 206 20.66 1.63 10.62
C LYS A 206 19.37 0.88 11.01
N ASN A 207 19.38 -0.42 10.76
CA ASN A 207 18.29 -1.27 11.15
C ASN A 207 18.40 -1.48 12.65
N LEU A 208 17.28 -1.70 13.33
CA LEU A 208 17.28 -1.81 14.79
C LEU A 208 17.11 -3.24 15.23
N GLN A 209 18.16 -3.79 15.80
CA GLN A 209 18.19 -5.16 16.28
C GLN A 209 17.36 -5.39 17.53
N ASN A 210 16.70 -6.53 17.56
CA ASN A 210 15.86 -7.00 18.66
C ASN A 210 14.72 -6.04 18.98
N ALA A 211 14.20 -5.37 17.95
CA ALA A 211 13.13 -4.41 18.11
C ALA A 211 12.17 -4.53 16.94
N LYS A 212 10.91 -4.24 17.20
CA LYS A 212 9.93 -4.12 16.13
C LYS A 212 9.07 -2.91 16.42
N PHE A 213 8.65 -2.26 15.35
CA PHE A 213 7.81 -1.09 15.43
C PHE A 213 6.44 -1.42 15.97
N GLY A 214 5.88 -0.48 16.73
CA GLY A 214 4.49 -0.54 17.16
C GLY A 214 3.81 0.81 17.22
N LEU A 215 2.58 0.81 17.76
CA LEU A 215 1.86 2.05 18.04
C LEU A 215 1.65 2.20 19.54
N TRP A 216 1.82 3.42 20.04
CA TRP A 216 1.58 3.74 21.45
C TRP A 216 0.09 3.92 21.69
N VAL A 217 -0.46 3.02 22.51
CA VAL A 217 -1.89 2.92 22.77
C VAL A 217 -2.14 2.70 24.26
N ASP A 218 -2.83 3.66 24.88
CA ASP A 218 -3.22 3.52 26.30
C ASP A 218 -2.01 3.17 27.17
N GLY A 219 -0.93 3.93 27.00
CA GLY A 219 0.27 3.74 27.80
C GLY A 219 1.06 2.47 27.56
N ASN A 220 0.83 1.82 26.41
CA ASN A 220 1.57 0.61 26.08
C ASN A 220 1.87 0.59 24.59
N CYS A 221 2.94 -0.12 24.21
CA CYS A 221 3.29 -0.26 22.80
C CYS A 221 2.67 -1.54 22.26
N GLU A 222 1.71 -1.37 21.36
CA GLU A 222 1.00 -2.49 20.77
C GLU A 222 1.47 -2.72 19.34
N ASP A 223 1.23 -3.91 18.83
CA ASP A 223 1.54 -4.21 17.43
C ASP A 223 0.85 -3.25 16.46
N ILE A 224 1.52 -2.99 15.35
CA ILE A 224 0.90 -2.32 14.23
C ILE A 224 -0.39 -3.11 13.88
N PRO A 225 -1.54 -2.41 13.76
CA PRO A 225 -2.80 -3.16 13.62
C PRO A 225 -2.87 -4.07 12.39
N HIS A 226 -2.44 -3.57 11.23
CA HIS A 226 -2.34 -4.41 10.03
C HIS A 226 -0.96 -4.32 9.40
N VAL A 227 -0.35 -5.48 9.23
CA VAL A 227 0.86 -5.57 8.43
C VAL A 227 0.66 -6.56 7.31
N ASN A 228 1.46 -6.38 6.27
CA ASN A 228 1.48 -7.29 5.16
C ASN A 228 2.72 -8.16 5.24
N GLU A 229 2.51 -9.46 5.34
CA GLU A 229 3.61 -10.42 5.62
C GLU A 229 4.07 -11.12 4.37
N PHE A 230 5.34 -10.97 4.07
CA PHE A 230 5.96 -11.54 2.87
C PHE A 230 7.18 -12.36 3.20
N SER A 231 7.40 -13.44 2.47
CA SER A 231 8.60 -14.24 2.66
C SER A 231 9.84 -13.46 2.24
N ALA A 232 10.84 -13.47 3.11
CA ALA A 232 12.11 -12.83 2.82
C ALA A 232 13.19 -13.56 3.60
N ASN A 233 14.16 -14.11 2.90
CA ASN A 233 15.20 -14.93 3.50
C ASN A 233 16.18 -14.29 4.45
N ASP A 234 16.41 -13.01 4.26
CA ASP A 234 17.30 -12.27 5.13
C ASP A 234 16.87 -10.83 5.21
N LEU A 235 17.50 -10.09 6.10
CA LEU A 235 17.13 -8.71 6.31
C LEU A 235 17.30 -7.86 5.05
N PHE A 236 18.35 -8.11 4.28
CA PHE A 236 18.59 -7.36 3.06
C PHE A 236 17.39 -7.50 2.13
N GLU A 237 16.90 -8.73 1.97
CA GLU A 237 15.73 -8.96 1.11
C GLU A 237 14.52 -8.22 1.66
N CYS A 238 14.36 -8.17 2.97
CA CYS A 238 13.22 -7.42 3.52
C CYS A 238 13.37 -5.92 3.21
N ASN A 239 14.57 -5.36 3.39
CA ASN A 239 14.80 -3.95 3.10
C ASN A 239 14.50 -3.65 1.63
N LYS A 240 14.85 -4.58 0.75
CA LYS A 240 14.55 -4.44 -0.67
C LYS A 240 13.05 -4.40 -0.92
N LEU A 241 12.31 -5.28 -0.27
CA LEU A 241 10.85 -5.33 -0.46
C LEU A 241 10.20 -4.03 0.02
N VAL A 242 10.63 -3.54 1.18
CA VAL A 242 10.10 -2.30 1.72
C VAL A 242 10.42 -1.16 0.76
N PHE A 243 11.67 -1.07 0.32
CA PHE A 243 12.06 -0.05 -0.65
C PHE A 243 11.15 -0.09 -1.91
N GLU A 244 10.91 -1.29 -2.45
CA GLU A 244 10.12 -1.41 -3.67
C GLU A 244 8.68 -0.94 -3.43
N LEU A 245 8.14 -1.15 -2.22
CA LEU A 245 6.78 -0.72 -1.91
C LEU A 245 6.63 0.72 -1.41
N SER A 246 7.76 1.38 -1.18
CA SER A 246 7.78 2.65 -0.47
C SER A 246 7.28 3.85 -1.26
N ALA A 247 7.18 4.97 -0.56
CA ALA A 247 6.72 6.21 -1.16
C ALA A 247 7.41 6.43 -2.50
N SER A 248 6.60 6.74 -3.51
CA SER A 248 7.12 6.90 -4.85
C SER A 248 6.42 8.00 -5.61
N ASP A 249 7.22 8.81 -6.28
CA ASP A 249 6.74 9.96 -7.03
C ASP A 249 6.68 9.67 -8.54
N GLN A 250 6.88 8.42 -8.91
CA GLN A 250 6.80 7.97 -10.30
C GLN A 250 5.33 7.91 -10.76
N PRO A 251 5.06 8.34 -11.99
CA PRO A 251 3.71 8.07 -12.51
C PRO A 251 3.40 6.59 -12.57
N LYS A 252 2.15 6.20 -12.28
CA LYS A 252 1.77 4.81 -12.31
C LYS A 252 1.33 4.32 -13.68
N GLN A 253 1.00 5.28 -14.54
CA GLN A 253 0.60 5.02 -15.94
C GLN A 253 1.57 5.64 -16.91
N TYR A 254 1.25 5.49 -18.19
CA TYR A 254 2.01 6.11 -19.26
C TYR A 254 1.22 7.27 -19.87
N GLU A 255 1.96 8.32 -20.24
CA GLU A 255 1.41 9.38 -21.08
C GLU A 255 1.72 8.99 -22.51
N GLN A 256 0.79 9.20 -23.43
CA GLN A 256 1.01 8.79 -24.82
C GLN A 256 2.19 9.54 -25.44
N HIS A 257 2.25 10.83 -25.18
CA HIS A 257 3.25 11.69 -25.80
C HIS A 257 4.61 11.52 -25.14
N LEU A 258 5.63 11.31 -25.95
CA LEU A 258 6.99 11.08 -25.46
C LEU A 258 7.48 12.18 -24.54
N THR A 259 7.28 13.43 -24.95
CA THR A 259 7.83 14.55 -24.21
C THR A 259 7.10 14.74 -22.88
N GLN A 260 5.81 14.36 -22.83
CA GLN A 260 5.08 14.47 -21.59
C GLN A 260 5.52 13.36 -20.64
N GLN A 261 5.68 12.15 -21.15
CA GLN A 261 6.16 11.03 -20.31
C GLN A 261 7.55 11.36 -19.77
N ALA A 262 8.41 11.91 -20.61
CA ALA A 262 9.78 12.24 -20.18
C ALA A 262 9.77 13.27 -19.08
N LYS A 263 8.94 14.30 -19.21
CA LYS A 263 8.84 15.30 -18.18
C LYS A 263 8.35 14.63 -16.89
N ASP A 264 7.40 13.72 -17.01
CA ASP A 264 6.76 13.14 -15.84
C ASP A 264 7.73 12.23 -15.06
N ILE A 265 8.77 11.72 -15.71
CA ILE A 265 9.75 10.85 -15.03
C ILE A 265 11.00 11.62 -14.60
N GLY A 266 11.03 12.93 -14.83
CA GLY A 266 12.13 13.75 -14.36
C GLY A 266 13.20 14.13 -15.35
N ALA A 267 12.91 14.04 -16.65
CA ALA A 267 13.80 14.62 -17.65
C ALA A 267 14.09 16.06 -17.29
N GLY A 268 15.35 16.45 -17.44
CA GLY A 268 15.85 17.74 -16.97
C GLY A 268 16.36 18.66 -18.07
N PRO A 269 16.91 19.81 -17.66
CA PRO A 269 17.38 20.80 -18.63
C PRO A 269 18.62 20.34 -19.40
N VAL A 270 18.81 20.86 -20.60
CA VAL A 270 20.02 20.59 -21.37
C VAL A 270 20.95 21.77 -21.16
N ALA A 271 22.05 21.52 -20.45
CA ALA A 271 23.01 22.57 -20.13
C ALA A 271 24.40 22.11 -20.48
N SER A 272 25.19 23.04 -21.02
CA SER A 272 26.59 22.76 -21.36
C SER A 272 27.53 23.65 -20.54
N CYS A 273 27.01 24.78 -20.07
CA CYS A 273 27.75 25.67 -19.20
C CYS A 273 26.83 26.11 -18.05
N PHE A 274 27.49 26.55 -16.98
CA PHE A 274 26.85 26.77 -15.68
C PHE A 274 27.48 27.97 -15.01
N THR A 275 26.78 28.56 -14.04
CA THR A 275 27.39 29.48 -13.10
C THR A 275 27.21 28.91 -11.70
N THR A 276 27.79 29.55 -10.70
CA THR A 276 27.78 29.02 -9.34
C THR A 276 26.90 29.84 -8.42
N ARG A 277 26.23 29.16 -7.49
CA ARG A 277 25.40 29.83 -6.48
C ARG A 277 26.29 30.44 -5.40
N MET A 278 27.42 29.80 -5.14
CA MET A 278 28.32 30.22 -4.07
C MET A 278 29.50 31.02 -4.60
N SER A 279 29.89 32.05 -3.87
CA SER A 279 31.00 32.91 -4.28
C SER A 279 32.29 32.10 -4.30
N PRO A 280 33.24 32.46 -5.18
CA PRO A 280 33.15 33.58 -6.12
C PRO A 280 32.35 33.23 -7.37
N PRO A 281 31.66 34.20 -7.97
CA PRO A 281 31.00 33.97 -9.27
C PRO A 281 31.97 33.36 -10.27
N GLN A 282 31.53 32.32 -11.00
CA GLN A 282 32.45 31.59 -11.87
C GLN A 282 31.69 30.82 -12.95
N GLN A 283 32.25 30.80 -14.17
CA GLN A 283 31.69 29.97 -15.23
C GLN A 283 32.27 28.57 -15.15
N ILE A 284 31.39 27.58 -15.30
CA ILE A 284 31.79 26.19 -15.39
C ILE A 284 31.18 25.60 -16.64
N CYS A 285 32.02 24.97 -17.47
CA CYS A 285 31.52 24.31 -18.67
C CYS A 285 31.88 22.83 -18.70
N LEU A 286 30.99 22.03 -19.29
CA LEU A 286 31.33 20.65 -19.62
C LEU A 286 32.52 20.61 -20.54
N ASN A 287 33.32 19.56 -20.44
CA ASN A 287 34.38 19.30 -21.40
C ASN A 287 33.83 19.05 -22.81
N SER A 288 32.69 18.37 -22.85
CA SER A 288 32.03 18.01 -24.09
C SER A 288 30.52 18.01 -23.87
N VAL A 289 29.75 18.50 -24.85
CA VAL A 289 28.29 18.54 -24.69
C VAL A 289 27.65 17.16 -24.64
N VAL A 290 26.52 17.07 -23.94
CA VAL A 290 25.84 15.81 -23.73
C VAL A 290 25.11 15.31 -24.96
N ASN A 291 25.15 13.99 -25.12
CA ASN A 291 24.39 13.27 -26.12
C ASN A 291 22.96 13.80 -26.27
N THR A 292 22.59 14.17 -27.49
CA THR A 292 21.29 14.78 -27.73
C THR A 292 20.12 13.83 -27.50
N ALA A 293 20.36 12.53 -27.62
CA ALA A 293 19.28 11.56 -27.42
C ALA A 293 18.95 11.45 -25.94
N TYR A 321 1.40 13.46 -8.96
CA TYR A 321 2.33 12.33 -8.84
C TYR A 321 3.19 12.38 -7.58
N LYS A 322 2.97 13.35 -6.71
CA LYS A 322 3.81 13.49 -5.52
C LYS A 322 3.26 12.69 -4.35
N SER A 323 4.11 11.86 -3.75
CA SER A 323 3.72 11.09 -2.59
C SER A 323 3.77 11.93 -1.32
N HIS A 324 4.62 12.95 -1.34
CA HIS A 324 4.98 13.74 -0.16
C HIS A 324 5.43 12.85 1.00
N GLY A 325 5.97 11.69 0.68
CA GLY A 325 6.51 10.82 1.70
C GLY A 325 5.54 9.77 2.20
N LYS A 326 4.30 9.78 1.71
CA LYS A 326 3.33 8.76 2.10
C LYS A 326 3.55 7.45 1.38
N GLY A 327 3.53 6.34 2.13
CA GLY A 327 3.60 5.03 1.52
C GLY A 327 3.97 3.94 2.49
N TYR A 328 4.31 2.77 1.95
CA TYR A 328 4.69 1.60 2.74
C TYR A 328 6.20 1.68 3.03
N ASN A 329 6.54 2.49 4.02
CA ASN A 329 7.92 2.95 4.22
C ASN A 329 8.67 2.16 5.31
N TRP A 330 7.95 1.30 6.02
CA TRP A 330 8.44 0.63 7.22
C TRP A 330 8.24 -0.88 7.16
N GLY A 331 9.15 -1.62 7.78
CA GLY A 331 9.02 -3.05 7.86
C GLY A 331 9.54 -3.58 9.17
N ASN A 332 8.86 -4.58 9.69
CA ASN A 332 9.37 -5.38 10.81
C ASN A 332 9.81 -6.71 10.25
N TYR A 333 11.08 -7.05 10.36
CA TYR A 333 11.58 -8.30 9.83
C TYR A 333 11.72 -9.34 10.95
N ASN A 334 10.97 -10.44 10.80
CA ASN A 334 11.06 -11.56 11.75
C ASN A 334 12.14 -12.52 11.26
N THR A 335 13.28 -12.54 11.98
CA THR A 335 14.42 -13.35 11.58
C THR A 335 14.21 -14.83 11.86
N GLU A 336 13.25 -15.15 12.73
CA GLU A 336 12.93 -16.55 13.00
C GLU A 336 12.09 -17.17 11.87
N THR A 337 10.97 -16.52 11.57
CA THR A 337 10.04 -17.02 10.56
C THR A 337 10.35 -16.57 9.13
N GLN A 338 11.30 -15.65 8.97
CA GLN A 338 11.70 -15.12 7.66
C GLN A 338 10.52 -14.46 6.97
N LYS A 339 9.91 -13.56 7.72
CA LYS A 339 8.77 -12.77 7.24
C LYS A 339 9.05 -11.28 7.39
N CYS A 340 8.83 -10.56 6.28
CA CYS A 340 8.95 -9.11 6.19
C CYS A 340 7.54 -8.55 6.35
N GLU A 341 7.30 -7.84 7.44
CA GLU A 341 5.99 -7.31 7.80
C GLU A 341 5.95 -5.84 7.45
N ILE A 342 5.30 -5.50 6.33
CA ILE A 342 5.37 -4.17 5.77
C ILE A 342 4.08 -3.42 6.00
N PHE A 343 4.19 -2.14 6.34
CA PHE A 343 3.03 -1.35 6.69
C PHE A 343 3.18 0.12 6.29
N ASN A 344 2.06 0.86 6.31
CA ASN A 344 2.07 2.22 5.81
C ASN A 344 1.52 3.25 6.79
N VAL A 345 1.58 2.91 8.07
CA VAL A 345 1.23 3.84 9.13
C VAL A 345 2.47 4.14 9.96
N LYS A 346 2.67 5.39 10.33
CA LYS A 346 3.93 5.75 10.98
C LYS A 346 3.94 5.14 12.38
N PRO A 347 5.05 4.51 12.75
CA PRO A 347 5.17 3.87 14.06
C PRO A 347 5.47 4.89 15.14
N THR A 348 5.06 4.63 16.38
CA THR A 348 5.22 5.63 17.44
C THR A 348 5.89 5.07 18.70
N CYS A 349 6.29 3.79 18.66
CA CYS A 349 7.07 3.18 19.75
C CYS A 349 7.80 1.94 19.24
N LEU A 350 8.66 1.37 20.09
CA LEU A 350 9.27 0.07 19.85
C LEU A 350 8.85 -0.97 20.86
N ILE A 351 8.79 -2.20 20.37
CA ILE A 351 8.59 -3.39 21.16
C ILE A 351 9.88 -4.19 21.16
N ASN A 352 10.37 -4.53 22.35
CA ASN A 352 11.52 -5.40 22.47
C ASN A 352 11.12 -6.83 22.11
N ASP A 353 11.83 -7.40 21.13
CA ASP A 353 11.59 -8.77 20.68
C ASP A 353 12.84 -9.26 19.97
N LYS A 354 13.49 -10.29 20.51
CA LYS A 354 14.76 -10.75 19.99
C LYS A 354 14.66 -11.39 18.62
N ASN A 355 13.44 -11.63 18.14
CA ASN A 355 13.25 -12.22 16.83
C ASN A 355 13.03 -11.18 15.73
N TYR A 356 13.06 -9.91 16.08
CA TYR A 356 12.76 -8.85 15.11
C TYR A 356 13.89 -7.85 14.89
N ILE A 357 13.91 -7.32 13.66
CA ILE A 357 14.74 -6.18 13.29
C ILE A 357 13.86 -5.19 12.57
N ALA A 358 13.93 -3.92 12.96
CA ALA A 358 13.07 -2.86 12.41
C ALA A 358 13.81 -2.11 11.32
N THR A 359 13.20 -2.04 10.13
CA THR A 359 13.82 -1.41 8.97
C THR A 359 12.91 -0.35 8.34
N THR A 360 13.50 0.51 7.52
CA THR A 360 12.72 1.45 6.72
C THR A 360 13.30 1.51 5.32
N ALA A 361 12.52 2.04 4.40
CA ALA A 361 13.02 2.18 3.03
C ALA A 361 14.23 3.09 2.91
N LEU A 362 14.40 4.04 3.83
CA LEU A 362 15.55 4.95 3.87
C LEU A 362 16.81 4.27 4.43
N SER A 363 16.60 3.24 5.25
CA SER A 363 17.67 2.61 6.00
C SER A 363 18.65 1.87 5.13
N HIS A 364 19.91 1.86 5.57
CA HIS A 364 20.91 0.99 4.97
C HIS A 364 20.41 -0.43 4.98
N PRO A 365 20.66 -1.21 3.91
CA PRO A 365 20.08 -2.56 3.85
C PRO A 365 20.79 -3.65 4.67
N ILE A 366 21.96 -3.33 5.22
CA ILE A 366 22.80 -4.29 5.95
C ILE A 366 23.12 -3.82 7.36
N GLU A 367 23.45 -2.54 7.55
CA GLU A 367 23.92 -2.06 8.87
C GLU A 367 22.84 -2.23 9.94
N VAL A 368 23.26 -2.62 11.15
CA VAL A 368 22.35 -2.86 12.25
C VAL A 368 22.94 -2.22 13.50
N GLU A 369 22.07 -1.85 14.42
CA GLU A 369 22.51 -1.50 15.76
C GLU A 369 21.48 -1.94 16.77
N ALA A 370 21.92 -2.03 18.03
CA ALA A 370 21.06 -2.47 19.12
C ALA A 370 20.07 -1.39 19.50
N ALA A 371 18.85 -1.80 19.86
CA ALA A 371 17.89 -0.86 20.41
C ALA A 371 18.22 -0.61 21.87
N TYR B 6 -2.26 6.24 -29.92
CA TYR B 6 -2.77 6.41 -31.27
C TYR B 6 -3.83 5.33 -31.58
N MET B 7 -3.40 4.10 -31.84
CA MET B 7 -4.35 3.00 -32.04
C MET B 7 -5.20 2.82 -30.79
N GLY B 8 -6.51 2.82 -30.98
CA GLY B 8 -7.44 2.68 -29.88
C GLY B 8 -7.30 1.35 -29.15
N ASN B 9 -7.72 1.36 -27.88
CA ASN B 9 -7.64 0.17 -27.05
C ASN B 9 -8.84 -0.76 -27.25
N PRO B 10 -8.63 -1.97 -27.80
CA PRO B 10 -9.76 -2.89 -27.97
C PRO B 10 -10.28 -3.49 -26.68
N TRP B 11 -9.51 -3.30 -25.60
CA TRP B 11 -9.80 -3.95 -24.34
C TRP B 11 -10.71 -3.18 -23.39
N THR B 12 -11.06 -1.95 -23.73
CA THR B 12 -11.75 -1.07 -22.80
C THR B 12 -12.97 -1.69 -22.14
N GLU B 13 -13.89 -2.22 -22.92
CA GLU B 13 -15.11 -2.74 -22.32
C GLU B 13 -14.91 -4.05 -21.58
N TYR B 14 -14.15 -4.96 -22.18
CA TYR B 14 -13.78 -6.21 -21.52
C TYR B 14 -13.16 -5.96 -20.15
N MET B 15 -12.30 -4.96 -20.07
CA MET B 15 -11.55 -4.71 -18.85
C MET B 15 -12.33 -3.92 -17.80
N ALA B 16 -13.57 -3.55 -18.09
CA ALA B 16 -14.35 -2.74 -17.18
C ALA B 16 -14.46 -3.40 -15.81
N LYS B 17 -14.65 -4.71 -15.77
CA LYS B 17 -14.86 -5.37 -14.48
C LYS B 17 -13.60 -5.37 -13.63
N TYR B 18 -12.45 -5.06 -14.22
CA TYR B 18 -11.19 -5.04 -13.47
C TYR B 18 -10.84 -3.62 -13.00
N ASP B 19 -11.71 -2.65 -13.29
CA ASP B 19 -11.59 -1.29 -12.78
C ASP B 19 -12.23 -1.26 -11.40
N ILE B 20 -11.57 -1.92 -10.46
CA ILE B 20 -12.15 -2.25 -9.18
C ILE B 20 -12.42 -1.00 -8.35
N GLU B 21 -11.54 -0.01 -8.44
CA GLU B 21 -11.73 1.18 -7.63
C GLU B 21 -13.05 1.85 -8.00
N GLU B 22 -13.40 1.86 -9.28
CA GLU B 22 -14.61 2.52 -9.70
C GLU B 22 -15.85 1.63 -9.57
N VAL B 23 -15.75 0.36 -9.96
CA VAL B 23 -16.93 -0.50 -10.03
C VAL B 23 -17.29 -1.07 -8.64
N HIS B 24 -16.29 -1.47 -7.87
CA HIS B 24 -16.57 -1.94 -6.51
C HIS B 24 -16.76 -0.74 -5.57
N GLY B 25 -15.84 0.22 -5.61
CA GLY B 25 -16.00 1.51 -4.94
C GLY B 25 -15.90 1.54 -3.43
N SER B 26 -15.44 0.45 -2.82
CA SER B 26 -15.30 0.40 -1.37
C SER B 26 -14.13 -0.49 -0.98
N GLY B 27 -13.89 -0.65 0.31
CA GLY B 27 -12.89 -1.60 0.73
C GLY B 27 -13.21 -3.02 0.30
N ILE B 28 -12.17 -3.84 0.21
CA ILE B 28 -12.29 -5.25 -0.12
C ILE B 28 -11.88 -6.08 1.08
N ARG B 29 -10.66 -5.89 1.58
CA ARG B 29 -10.24 -6.64 2.76
CA ARG B 29 -10.25 -6.64 2.76
C ARG B 29 -11.21 -6.34 3.92
N VAL B 30 -11.41 -5.06 4.19
CA VAL B 30 -12.44 -4.58 5.13
C VAL B 30 -13.30 -3.57 4.36
N ASP B 31 -14.60 -3.84 4.29
CA ASP B 31 -15.58 -3.01 3.58
C ASP B 31 -16.45 -2.30 4.61
N LEU B 32 -16.25 -1.00 4.75
CA LEU B 32 -17.04 -0.14 5.64
C LEU B 32 -17.18 1.22 4.95
N GLY B 33 -17.67 1.18 3.71
CA GLY B 33 -17.61 2.35 2.86
C GLY B 33 -18.76 3.33 2.93
N GLU B 34 -19.78 3.02 3.72
CA GLU B 34 -20.88 3.97 3.93
C GLU B 34 -21.16 4.11 5.42
N ASP B 35 -21.96 5.12 5.76
CA ASP B 35 -22.47 5.28 7.11
C ASP B 35 -23.99 5.31 7.08
N ALA B 36 -24.61 4.87 8.15
CA ALA B 36 -26.06 4.88 8.24
C ALA B 36 -26.48 5.22 9.65
N GLU B 37 -27.49 6.06 9.77
CA GLU B 37 -28.00 6.45 11.07
C GLU B 37 -28.99 5.41 11.57
N VAL B 38 -28.88 5.09 12.85
CA VAL B 38 -29.89 4.29 13.54
C VAL B 38 -30.17 5.01 14.86
N ALA B 39 -31.33 5.62 14.95
CA ALA B 39 -31.74 6.31 16.18
C ALA B 39 -30.69 7.31 16.67
N GLY B 40 -30.27 8.21 15.79
CA GLY B 40 -29.38 9.30 16.18
C GLY B 40 -27.90 8.94 16.29
N THR B 41 -27.58 7.66 16.10
CA THR B 41 -26.19 7.21 16.12
C THR B 41 -25.76 6.81 14.70
N GLN B 42 -24.57 7.26 14.30
CA GLN B 42 -24.01 6.92 12.98
C GLN B 42 -23.22 5.62 13.04
N TYR B 43 -23.59 4.65 12.22
CA TYR B 43 -22.88 3.37 12.13
C TYR B 43 -22.18 3.19 10.79
N ARG B 44 -21.04 2.49 10.80
CA ARG B 44 -20.35 2.17 9.55
C ARG B 44 -20.92 0.91 8.99
N LEU B 45 -21.00 0.77 7.68
CA LEU B 45 -21.41 -0.51 7.14
C LEU B 45 -20.89 -0.80 5.73
N PRO B 46 -20.80 -2.09 5.38
CA PRO B 46 -20.30 -2.52 4.07
C PRO B 46 -21.11 -1.94 2.92
N SER B 47 -20.43 -1.53 1.85
CA SER B 47 -21.09 -0.86 0.74
C SER B 47 -20.51 -1.20 -0.61
N GLY B 48 -19.64 -2.21 -0.69
CA GLY B 48 -19.05 -2.62 -1.96
C GLY B 48 -20.07 -3.11 -2.96
N LYS B 49 -19.90 -2.74 -4.23
CA LYS B 49 -20.85 -3.16 -5.26
C LYS B 49 -20.60 -4.55 -5.83
N CYS B 50 -19.40 -5.10 -5.62
CA CYS B 50 -19.08 -6.45 -6.09
C CYS B 50 -19.04 -7.49 -4.99
N PRO B 51 -19.38 -8.74 -5.32
CA PRO B 51 -19.16 -9.84 -4.38
C PRO B 51 -17.68 -10.07 -4.17
N VAL B 52 -17.31 -10.52 -2.97
CA VAL B 52 -15.93 -10.89 -2.70
C VAL B 52 -15.86 -12.41 -2.55
N PHE B 53 -15.30 -13.09 -3.55
CA PHE B 53 -15.25 -14.54 -3.57
C PHE B 53 -14.14 -15.08 -2.66
N GLY B 54 -14.54 -15.95 -1.73
CA GLY B 54 -13.59 -16.64 -0.89
C GLY B 54 -13.28 -15.93 0.40
N LYS B 55 -13.92 -14.79 0.63
CA LYS B 55 -13.74 -14.06 1.87
C LYS B 55 -14.64 -14.55 3.01
N GLY B 56 -14.03 -14.80 4.16
CA GLY B 56 -14.75 -15.05 5.39
C GLY B 56 -14.04 -14.34 6.52
N ILE B 57 -14.53 -14.54 7.74
CA ILE B 57 -13.91 -14.01 8.95
C ILE B 57 -13.32 -15.13 9.78
N ILE B 58 -12.02 -15.05 10.07
CA ILE B 58 -11.36 -15.98 10.96
C ILE B 58 -11.49 -15.46 12.38
N ILE B 59 -12.02 -16.30 13.24
CA ILE B 59 -12.10 -15.96 14.65
C ILE B 59 -10.89 -16.59 15.33
N GLU B 60 -10.05 -15.76 15.94
CA GLU B 60 -8.75 -16.21 16.42
C GLU B 60 -8.83 -17.18 17.59
N ASN B 61 -7.98 -18.20 17.53
CA ASN B 61 -7.92 -19.25 18.57
C ASN B 61 -9.31 -19.76 18.92
N SER B 62 -10.08 -20.05 17.89
CA SER B 62 -11.42 -20.57 18.03
C SER B 62 -11.70 -21.58 16.93
N LYS B 63 -12.31 -22.70 17.29
CA LYS B 63 -12.72 -23.69 16.31
C LYS B 63 -14.14 -23.41 15.84
N THR B 64 -14.78 -22.42 16.47
CA THR B 64 -16.08 -21.95 16.01
C THR B 64 -15.90 -21.13 14.74
N THR B 65 -16.69 -21.45 13.72
CA THR B 65 -16.60 -20.71 12.47
C THR B 65 -17.63 -19.59 12.45
N PHE B 66 -17.34 -18.54 11.68
CA PHE B 66 -18.06 -17.30 11.81
C PHE B 66 -19.52 -17.35 11.31
N LEU B 67 -19.87 -18.37 10.53
CA LEU B 67 -21.27 -18.48 10.07
C LEU B 67 -22.15 -19.09 11.16
N THR B 68 -21.53 -19.55 12.24
CA THR B 68 -22.30 -19.97 13.41
C THR B 68 -23.09 -18.77 13.93
N PRO B 69 -24.36 -18.96 14.32
CA PRO B 69 -25.03 -17.78 14.85
C PRO B 69 -24.35 -17.16 16.08
N VAL B 70 -24.51 -15.85 16.21
CA VAL B 70 -24.03 -15.15 17.40
C VAL B 70 -24.59 -15.82 18.65
N ALA B 71 -23.78 -15.81 19.70
CA ALA B 71 -24.21 -16.33 20.99
C ALA B 71 -25.39 -15.55 21.53
N THR B 72 -26.39 -16.29 22.00
CA THR B 72 -27.59 -15.69 22.58
C THR B 72 -27.67 -16.05 24.05
N GLY B 73 -28.38 -15.22 24.80
CA GLY B 73 -28.53 -15.43 26.23
C GLY B 73 -27.20 -15.58 26.93
N ASN B 74 -26.98 -16.74 27.53
CA ASN B 74 -25.77 -16.99 28.30
C ASN B 74 -24.87 -18.07 27.66
N GLN B 75 -25.11 -18.35 26.38
CA GLN B 75 -24.15 -19.11 25.62
C GLN B 75 -22.83 -18.36 25.59
N TYR B 76 -21.72 -19.06 25.79
CA TYR B 76 -20.40 -18.42 25.77
C TYR B 76 -20.20 -17.66 24.47
N LEU B 77 -19.73 -16.42 24.58
CA LEU B 77 -19.49 -15.59 23.41
C LEU B 77 -18.74 -16.34 22.32
N LYS B 78 -17.66 -17.02 22.70
CA LYS B 78 -16.78 -17.64 21.73
C LYS B 78 -17.31 -18.98 21.21
N ASP B 79 -18.43 -19.45 21.75
CA ASP B 79 -19.13 -20.60 21.16
C ASP B 79 -20.03 -20.19 20.00
N GLY B 80 -20.20 -18.89 19.79
CA GLY B 80 -21.04 -18.38 18.71
C GLY B 80 -20.18 -17.71 17.65
N GLY B 81 -20.79 -17.39 16.51
CA GLY B 81 -20.10 -16.69 15.45
C GLY B 81 -20.65 -15.30 15.22
N PHE B 82 -20.89 -14.98 13.95
CA PHE B 82 -21.29 -13.66 13.51
C PHE B 82 -22.70 -13.59 12.93
N ALA B 83 -23.30 -14.75 12.69
CA ALA B 83 -24.52 -14.83 11.89
C ALA B 83 -25.78 -14.54 12.70
N PHE B 84 -26.86 -14.20 12.02
CA PHE B 84 -28.14 -14.00 12.71
C PHE B 84 -28.54 -15.25 13.49
N PRO B 85 -29.04 -15.06 14.72
CA PRO B 85 -29.62 -16.21 15.43
C PRO B 85 -31.06 -16.41 14.98
N PRO B 86 -31.68 -17.51 15.43
CA PRO B 86 -33.04 -17.85 14.99
C PRO B 86 -34.06 -16.72 15.19
N THR B 87 -34.92 -16.55 14.19
CA THR B 87 -36.01 -15.59 14.24
C THR B 87 -37.30 -16.40 13.99
N GLU B 88 -38.45 -15.79 14.22
CA GLU B 88 -39.71 -16.36 13.78
C GLU B 88 -40.49 -15.33 12.96
N PRO B 89 -40.76 -15.62 11.68
CA PRO B 89 -40.30 -16.81 10.94
C PRO B 89 -38.78 -16.78 10.77
N LEU B 90 -38.18 -17.92 10.46
CA LEU B 90 -36.73 -18.01 10.36
C LEU B 90 -36.24 -17.30 9.10
N MET B 91 -35.43 -16.26 9.30
CA MET B 91 -34.91 -15.48 8.18
C MET B 91 -33.53 -15.95 7.74
N SER B 92 -32.76 -16.49 8.68
CA SER B 92 -31.38 -16.88 8.41
C SER B 92 -30.95 -18.08 9.25
N PRO B 93 -30.23 -19.05 8.66
CA PRO B 93 -29.90 -19.16 7.23
C PRO B 93 -31.10 -19.54 6.40
N MET B 94 -31.08 -19.23 5.11
CA MET B 94 -32.16 -19.61 4.21
C MET B 94 -31.60 -20.16 2.89
N THR B 95 -32.14 -21.28 2.45
CA THR B 95 -31.75 -21.86 1.16
C THR B 95 -32.19 -20.95 0.02
N LEU B 96 -31.53 -21.09 -1.13
CA LEU B 96 -31.92 -20.33 -2.31
C LEU B 96 -33.37 -20.64 -2.67
N ASP B 97 -33.73 -21.92 -2.62
CA ASP B 97 -35.11 -22.33 -2.91
C ASP B 97 -36.13 -21.60 -2.03
N ASP B 98 -35.86 -21.51 -0.73
CA ASP B 98 -36.78 -20.84 0.18
C ASP B 98 -36.82 -19.33 -0.06
N MET B 99 -35.69 -18.75 -0.43
CA MET B 99 -35.68 -17.32 -0.72
C MET B 99 -36.58 -17.01 -1.91
N ARG B 100 -36.55 -17.86 -2.93
CA ARG B 100 -37.34 -17.59 -4.13
C ARG B 100 -38.82 -17.77 -3.82
N LEU B 101 -39.15 -18.71 -2.95
CA LEU B 101 -40.52 -18.88 -2.46
C LEU B 101 -40.98 -17.66 -1.66
N LEU B 102 -40.13 -17.17 -0.76
CA LEU B 102 -40.48 -16.04 0.09
C LEU B 102 -40.75 -14.77 -0.71
N TYR B 103 -40.10 -14.65 -1.86
CA TYR B 103 -40.21 -13.43 -2.68
C TYR B 103 -40.84 -13.75 -4.04
N VAL B 109 -37.49 -8.79 -7.60
CA VAL B 109 -36.68 -9.57 -6.65
C VAL B 109 -36.73 -11.05 -6.97
N LYS B 110 -37.90 -11.54 -7.35
CA LYS B 110 -38.15 -12.98 -7.47
C LYS B 110 -37.18 -13.72 -8.39
N ASN B 111 -36.72 -13.07 -9.45
CA ASN B 111 -35.83 -13.73 -10.41
C ASN B 111 -34.42 -13.12 -10.43
N LEU B 112 -34.02 -12.49 -9.33
CA LEU B 112 -32.64 -12.05 -9.18
C LEU B 112 -31.74 -13.26 -9.08
N ASP B 113 -30.46 -13.12 -9.43
CA ASP B 113 -29.51 -14.21 -9.29
C ASP B 113 -29.25 -14.46 -7.80
N GLU B 114 -28.70 -15.62 -7.49
CA GLU B 114 -28.58 -16.08 -6.11
C GLU B 114 -27.82 -15.09 -5.23
N LEU B 115 -26.75 -14.50 -5.72
CA LEU B 115 -25.97 -13.59 -4.87
C LEU B 115 -26.70 -12.27 -4.62
N THR B 116 -27.28 -11.67 -5.66
CA THR B 116 -27.99 -10.42 -5.48
C THR B 116 -29.19 -10.69 -4.58
N LEU B 117 -29.83 -11.84 -4.78
CA LEU B 117 -31.00 -12.18 -3.98
C LEU B 117 -30.63 -12.32 -2.51
N CYS B 118 -29.50 -12.97 -2.24
CA CYS B 118 -29.02 -13.10 -0.87
C CYS B 118 -28.76 -11.72 -0.27
N SER B 119 -28.21 -10.79 -1.04
CA SER B 119 -27.96 -9.43 -0.58
C SER B 119 -29.25 -8.67 -0.27
N ARG B 120 -30.26 -8.83 -1.13
CA ARG B 120 -31.50 -8.10 -0.92
C ARG B 120 -32.28 -8.70 0.25
N HIS B 121 -32.17 -10.01 0.42
CA HIS B 121 -32.79 -10.72 1.54
C HIS B 121 -32.22 -10.21 2.86
N ALA B 122 -30.90 -10.17 2.97
CA ALA B 122 -30.28 -9.62 4.17
C ALA B 122 -30.67 -8.16 4.39
N GLY B 123 -30.81 -7.41 3.31
CA GLY B 123 -31.13 -5.98 3.40
C GLY B 123 -32.60 -5.71 3.64
N ASN B 124 -33.39 -6.76 3.76
CA ASN B 124 -34.83 -6.61 3.99
C ASN B 124 -35.13 -6.14 5.41
N MET B 125 -34.25 -6.50 6.33
CA MET B 125 -34.48 -6.30 7.77
C MET B 125 -34.14 -4.88 8.24
N ILE B 126 -35.14 -4.21 8.82
CA ILE B 126 -34.95 -2.91 9.45
C ILE B 126 -34.95 -3.12 10.96
N PRO B 127 -33.84 -2.77 11.64
CA PRO B 127 -33.88 -2.90 13.11
C PRO B 127 -34.95 -1.98 13.71
N ASP B 128 -35.78 -2.51 14.62
CA ASP B 128 -36.85 -1.74 15.22
C ASP B 128 -36.35 -0.55 16.04
N ASN B 129 -35.04 -0.51 16.26
CA ASN B 129 -34.42 0.65 16.91
C ASN B 129 -34.78 1.93 16.17
N ASP B 130 -34.92 1.81 14.85
CA ASP B 130 -35.25 2.93 13.99
C ASP B 130 -35.91 2.39 12.71
N LYS B 131 -37.23 2.56 12.63
CA LYS B 131 -38.03 2.10 11.50
C LYS B 131 -37.69 2.85 10.21
N ASN B 132 -37.21 4.09 10.34
CA ASN B 132 -36.86 4.90 9.18
C ASN B 132 -35.40 4.76 8.77
N SER B 133 -34.71 3.76 9.33
CA SER B 133 -33.28 3.62 9.12
C SER B 133 -32.91 3.10 7.74
N ASN B 134 -31.69 3.43 7.33
CA ASN B 134 -31.11 2.96 6.07
C ASN B 134 -30.10 1.82 6.33
N TYR B 135 -30.07 1.33 7.57
CA TYR B 135 -29.09 0.30 7.94
C TYR B 135 -29.44 -1.06 7.38
N LYS B 136 -28.54 -1.64 6.58
CA LYS B 136 -28.74 -2.96 6.01
C LYS B 136 -27.58 -3.90 6.33
N TYR B 137 -27.91 -5.07 6.86
CA TYR B 137 -26.92 -6.06 7.24
C TYR B 137 -26.26 -6.70 6.01
N PRO B 138 -24.96 -7.03 6.10
CA PRO B 138 -24.32 -7.78 5.03
C PRO B 138 -24.63 -9.27 5.14
N ALA B 139 -24.16 -10.03 4.16
CA ALA B 139 -24.46 -11.45 4.09
C ALA B 139 -23.31 -12.24 3.50
N VAL B 140 -23.36 -13.53 3.74
CA VAL B 140 -22.47 -14.49 3.10
C VAL B 140 -23.31 -15.56 2.47
N TYR B 141 -23.02 -15.84 1.20
CA TYR B 141 -23.67 -16.92 0.49
C TYR B 141 -22.70 -18.10 0.41
N ASP B 142 -23.20 -19.28 0.76
CA ASP B 142 -22.44 -20.50 0.62
C ASP B 142 -22.82 -21.12 -0.73
N ASP B 143 -21.91 -21.02 -1.69
CA ASP B 143 -22.20 -21.41 -3.07
C ASP B 143 -22.30 -22.93 -3.20
N LYS B 144 -21.81 -23.66 -2.19
CA LYS B 144 -21.83 -25.12 -2.23
C LYS B 144 -23.17 -25.68 -1.75
N ASP B 145 -23.70 -25.14 -0.66
CA ASP B 145 -24.97 -25.60 -0.10
C ASP B 145 -26.14 -24.70 -0.52
N LYS B 146 -25.84 -23.68 -1.32
CA LYS B 146 -26.85 -22.75 -1.81
C LYS B 146 -27.65 -22.16 -0.65
N LYS B 147 -26.93 -21.62 0.31
CA LYS B 147 -27.51 -21.13 1.55
C LYS B 147 -27.05 -19.70 1.80
N CYS B 148 -28.00 -18.82 2.15
CA CYS B 148 -27.71 -17.43 2.44
C CYS B 148 -27.69 -17.21 3.95
N HIS B 149 -26.61 -16.63 4.45
CA HIS B 149 -26.47 -16.30 5.86
C HIS B 149 -26.44 -14.78 6.06
N ILE B 150 -27.36 -14.23 6.85
CA ILE B 150 -27.34 -12.82 7.19
C ILE B 150 -26.38 -12.63 8.34
N LEU B 151 -25.46 -11.68 8.22
CA LEU B 151 -24.52 -11.40 9.29
C LEU B 151 -25.10 -10.36 10.25
N TYR B 152 -25.17 -10.74 11.53
CA TYR B 152 -25.61 -9.85 12.59
C TYR B 152 -24.51 -8.87 12.97
N ILE B 153 -23.27 -9.36 12.99
CA ILE B 153 -22.09 -8.54 13.23
C ILE B 153 -21.46 -8.08 11.92
N ALA B 154 -21.39 -6.77 11.69
CA ALA B 154 -20.88 -6.21 10.44
C ALA B 154 -19.40 -5.88 10.53
N ALA B 155 -18.84 -5.88 11.74
CA ALA B 155 -17.41 -5.66 11.91
C ALA B 155 -16.65 -6.81 11.25
N GLN B 156 -15.45 -6.54 10.73
CA GLN B 156 -14.68 -7.57 10.04
C GLN B 156 -13.31 -7.83 10.64
N GLU B 157 -12.76 -6.85 11.34
CA GLU B 157 -11.48 -7.02 12.02
C GLU B 157 -11.47 -6.36 13.38
N ASN B 158 -11.03 -7.10 14.39
CA ASN B 158 -10.90 -6.62 15.76
C ASN B 158 -9.60 -7.16 16.30
N ASN B 159 -8.72 -6.26 16.71
CA ASN B 159 -7.43 -6.70 17.25
C ASN B 159 -6.97 -5.72 18.31
N GLY B 160 -5.91 -6.12 19.03
CA GLY B 160 -5.35 -5.32 20.11
C GLY B 160 -5.86 -5.81 21.46
N PRO B 161 -4.96 -6.02 22.44
CA PRO B 161 -5.42 -6.64 23.69
C PRO B 161 -6.45 -5.83 24.48
N ARG B 162 -6.51 -4.53 24.26
CA ARG B 162 -7.53 -3.70 24.91
C ARG B 162 -8.93 -4.08 24.40
N TYR B 163 -8.98 -4.56 23.15
CA TYR B 163 -10.24 -4.70 22.43
C TYR B 163 -10.68 -6.13 22.21
N CYS B 164 -9.82 -7.09 22.49
CA CYS B 164 -10.19 -8.49 22.44
C CYS B 164 -9.27 -9.33 23.31
N ASN B 165 -9.65 -10.58 23.51
CA ASN B 165 -8.85 -11.51 24.33
C ASN B 165 -8.63 -12.82 23.57
N LYS B 166 -7.37 -13.08 23.23
CA LYS B 166 -6.98 -14.26 22.45
C LYS B 166 -7.06 -15.58 23.21
N ASP B 167 -7.13 -15.49 24.52
CA ASP B 167 -7.10 -16.67 25.39
C ASP B 167 -8.30 -17.57 25.16
N GLU B 168 -8.07 -18.71 24.53
CA GLU B 168 -9.15 -19.63 24.16
C GLU B 168 -9.91 -20.14 25.38
N SER B 169 -9.29 -20.07 26.55
CA SER B 169 -9.92 -20.58 27.77
C SER B 169 -10.81 -19.54 28.45
N LYS B 170 -10.76 -18.29 27.96
CA LYS B 170 -11.69 -17.26 28.42
C LYS B 170 -12.88 -17.23 27.46
N ARG B 171 -13.83 -18.12 27.68
CA ARG B 171 -14.87 -18.45 26.71
C ARG B 171 -15.87 -17.35 26.44
N ASN B 172 -16.08 -16.46 27.41
CA ASN B 172 -17.07 -15.40 27.26
C ASN B 172 -16.46 -14.01 27.13
N SER B 173 -15.15 -13.97 26.89
N SER B 173 -15.14 -13.98 26.88
CA SER B 173 -14.48 -12.71 26.60
CA SER B 173 -14.47 -12.71 26.59
C SER B 173 -14.59 -12.41 25.11
C SER B 173 -14.62 -12.40 25.11
N MET B 174 -14.37 -11.15 24.75
CA MET B 174 -14.48 -10.71 23.37
C MET B 174 -13.43 -11.38 22.48
N PHE B 175 -13.85 -11.93 21.35
CA PHE B 175 -12.91 -12.56 20.43
C PHE B 175 -12.20 -11.54 19.52
N CYS B 176 -10.99 -11.93 19.12
CA CYS B 176 -10.25 -11.26 18.05
C CYS B 176 -10.62 -11.91 16.74
N PHE B 177 -10.66 -11.13 15.67
CA PHE B 177 -11.00 -11.71 14.40
C PHE B 177 -10.47 -10.86 13.26
N ARG B 178 -10.44 -11.44 12.07
CA ARG B 178 -9.88 -10.76 10.90
C ARG B 178 -10.49 -11.36 9.66
N PRO B 179 -10.55 -10.58 8.58
CA PRO B 179 -10.98 -11.16 7.31
C PRO B 179 -9.85 -11.94 6.66
N ALA B 180 -10.22 -12.94 5.86
CA ALA B 180 -9.21 -13.77 5.22
C ALA B 180 -9.76 -14.48 4.01
N LYS B 181 -8.87 -14.76 3.06
CA LYS B 181 -9.06 -15.83 2.10
C LYS B 181 -8.43 -17.05 2.72
N ASP B 182 -9.20 -18.10 2.82
CA ASP B 182 -8.78 -19.30 3.54
C ASP B 182 -9.42 -20.46 2.83
N ILE B 183 -8.72 -21.59 2.80
CA ILE B 183 -9.23 -22.75 2.09
C ILE B 183 -10.63 -23.14 2.59
N SER B 184 -10.88 -22.94 3.87
CA SER B 184 -12.19 -23.27 4.43
C SER B 184 -13.29 -22.34 3.94
N PHE B 185 -12.93 -21.19 3.37
CA PHE B 185 -13.90 -20.22 2.85
C PHE B 185 -14.03 -20.25 1.33
N GLN B 186 -13.35 -21.18 0.66
CA GLN B 186 -13.25 -21.13 -0.80
C GLN B 186 -14.61 -21.10 -1.50
N ASN B 187 -15.65 -21.65 -0.88
CA ASN B 187 -16.99 -21.66 -1.48
C ASN B 187 -17.93 -20.58 -0.95
N LEU B 188 -17.40 -19.67 -0.14
CA LEU B 188 -18.20 -18.57 0.38
C LEU B 188 -18.05 -17.32 -0.47
N VAL B 189 -19.08 -16.48 -0.42
CA VAL B 189 -19.09 -15.19 -1.12
C VAL B 189 -19.58 -14.13 -0.14
N TYR B 190 -18.74 -13.13 0.11
CA TYR B 190 -19.08 -12.07 1.02
C TYR B 190 -19.78 -10.92 0.29
N LEU B 191 -20.95 -10.53 0.80
CA LEU B 191 -21.90 -9.67 0.10
C LEU B 191 -22.35 -8.47 0.91
N SER B 192 -21.98 -7.27 0.47
CA SER B 192 -22.55 -6.08 1.07
C SER B 192 -23.98 -5.85 0.62
N LYS B 193 -24.63 -4.88 1.26
CA LYS B 193 -25.98 -4.48 0.90
C LYS B 193 -26.09 -3.92 -0.53
N ASN B 194 -24.96 -3.54 -1.12
CA ASN B 194 -24.97 -2.83 -2.41
C ASN B 194 -24.59 -3.70 -3.61
N VAL B 195 -24.46 -5.00 -3.42
CA VAL B 195 -24.06 -5.88 -4.53
C VAL B 195 -25.00 -5.70 -5.70
N VAL B 196 -24.44 -5.33 -6.85
CA VAL B 196 -25.26 -4.97 -8.02
C VAL B 196 -25.83 -6.20 -8.72
N HIS B 197 -27.02 -6.01 -9.29
CA HIS B 197 -27.75 -7.12 -9.87
C HIS B 197 -27.02 -7.72 -11.08
N ASN B 198 -26.18 -6.92 -11.76
CA ASN B 198 -25.45 -7.44 -12.92
C ASN B 198 -23.97 -7.66 -12.65
N TRP B 199 -23.64 -8.09 -11.43
CA TRP B 199 -22.25 -8.32 -11.06
C TRP B 199 -21.55 -9.32 -11.97
N GLU B 200 -22.31 -10.25 -12.54
CA GLU B 200 -21.74 -11.23 -13.45
C GLU B 200 -21.03 -10.55 -14.63
N LYS B 201 -21.62 -9.45 -15.08
CA LYS B 201 -21.09 -8.69 -16.18
C LYS B 201 -20.03 -7.68 -15.73
N VAL B 202 -20.23 -7.07 -14.57
CA VAL B 202 -19.45 -5.89 -14.24
C VAL B 202 -18.41 -6.13 -13.14
N CYS B 203 -18.37 -7.33 -12.56
CA CYS B 203 -17.40 -7.66 -11.48
C CYS B 203 -16.54 -8.89 -11.79
N PRO B 204 -15.33 -8.97 -11.20
CA PRO B 204 -14.54 -10.18 -11.39
C PRO B 204 -15.10 -11.39 -10.67
N ARG B 205 -14.74 -12.56 -11.17
CA ARG B 205 -14.97 -13.79 -10.42
C ARG B 205 -13.79 -14.75 -10.62
N LYS B 206 -13.68 -15.35 -11.79
CA LYS B 206 -12.62 -16.32 -12.00
C LYS B 206 -11.32 -15.63 -12.39
N ASN B 207 -10.22 -16.33 -12.11
CA ASN B 207 -8.91 -15.89 -12.53
C ASN B 207 -8.70 -16.18 -14.01
N LEU B 208 -7.79 -15.44 -14.65
CA LEU B 208 -7.62 -15.54 -16.11
C LEU B 208 -6.35 -16.31 -16.44
N GLN B 209 -6.53 -17.52 -16.98
CA GLN B 209 -5.42 -18.41 -17.29
C GLN B 209 -4.64 -17.95 -18.51
N ASN B 210 -3.32 -18.12 -18.44
CA ASN B 210 -2.42 -17.78 -19.53
C ASN B 210 -2.53 -16.32 -19.92
N ALA B 211 -2.79 -15.47 -18.93
CA ALA B 211 -2.87 -14.04 -19.15
C ALA B 211 -2.26 -13.25 -17.98
N LYS B 212 -1.70 -12.09 -18.28
CA LYS B 212 -1.35 -11.13 -17.25
C LYS B 212 -1.86 -9.75 -17.61
N PHE B 213 -2.23 -9.00 -16.59
CA PHE B 213 -2.65 -7.62 -16.75
C PHE B 213 -1.53 -6.74 -17.29
N GLY B 214 -1.91 -5.76 -18.10
CA GLY B 214 -0.99 -4.72 -18.56
C GLY B 214 -1.69 -3.40 -18.84
N LEU B 215 -0.98 -2.48 -19.47
CA LEU B 215 -1.49 -1.18 -19.90
C LEU B 215 -1.33 -1.07 -21.42
N TRP B 216 -2.37 -0.55 -22.07
CA TRP B 216 -2.33 -0.33 -23.52
C TRP B 216 -1.58 0.95 -23.86
N VAL B 217 -0.54 0.80 -24.67
CA VAL B 217 0.20 1.96 -25.19
C VAL B 217 0.60 1.72 -26.65
N ASP B 218 0.29 2.72 -27.48
CA ASP B 218 0.70 2.72 -28.89
C ASP B 218 0.44 1.38 -29.57
N GLY B 219 -0.76 0.85 -29.39
CA GLY B 219 -1.20 -0.33 -30.12
C GLY B 219 -0.77 -1.70 -29.60
N ASN B 220 -0.24 -1.74 -28.39
CA ASN B 220 0.18 -3.02 -27.83
C ASN B 220 -0.04 -3.03 -26.32
N CYS B 221 -0.31 -4.20 -25.75
CA CYS B 221 -0.44 -4.32 -24.30
C CYS B 221 0.94 -4.53 -23.69
N GLU B 222 1.36 -3.56 -22.88
CA GLU B 222 2.68 -3.58 -22.24
C GLU B 222 2.54 -3.88 -20.77
N ASP B 223 3.64 -4.28 -20.14
CA ASP B 223 3.63 -4.61 -18.72
C ASP B 223 3.23 -3.42 -17.84
N ILE B 224 2.61 -3.72 -16.70
CA ILE B 224 2.36 -2.71 -15.68
C ILE B 224 3.70 -2.04 -15.33
N PRO B 225 3.76 -0.71 -15.25
CA PRO B 225 5.09 -0.09 -15.12
C PRO B 225 5.85 -0.51 -13.85
N HIS B 226 5.17 -0.55 -12.71
CA HIS B 226 5.79 -1.01 -11.47
C HIS B 226 4.94 -2.05 -10.78
N VAL B 227 5.54 -3.21 -10.54
CA VAL B 227 4.90 -4.24 -9.75
C VAL B 227 5.81 -4.60 -8.58
N ASN B 228 5.19 -5.12 -7.55
CA ASN B 228 5.88 -5.59 -6.34
C ASN B 228 5.85 -7.08 -6.35
N GLU B 229 7.03 -7.69 -6.41
CA GLU B 229 7.14 -9.13 -6.63
C GLU B 229 7.43 -9.87 -5.34
N PHE B 230 6.56 -10.83 -5.02
CA PHE B 230 6.64 -11.61 -3.79
C PHE B 230 6.59 -13.11 -4.05
N SER B 231 7.29 -13.88 -3.23
CA SER B 231 7.17 -15.33 -3.32
C SER B 231 5.77 -15.84 -2.96
N ALA B 232 5.25 -16.74 -3.77
CA ALA B 232 3.96 -17.36 -3.52
C ALA B 232 3.89 -18.74 -4.15
N ASN B 233 3.67 -19.77 -3.34
CA ASN B 233 3.84 -21.13 -3.84
C ASN B 233 2.74 -21.61 -4.78
N ASP B 234 1.59 -20.96 -4.79
CA ASP B 234 0.51 -21.31 -5.72
C ASP B 234 -0.43 -20.13 -5.90
N LEU B 235 -1.41 -20.27 -6.79
CA LEU B 235 -2.31 -19.17 -7.11
C LEU B 235 -3.07 -18.73 -5.85
N PHE B 236 -3.49 -19.68 -5.03
CA PHE B 236 -4.23 -19.34 -3.81
C PHE B 236 -3.41 -18.36 -2.95
N GLU B 237 -2.13 -18.63 -2.78
CA GLU B 237 -1.28 -17.80 -1.95
C GLU B 237 -1.16 -16.40 -2.56
N CYS B 238 -1.07 -16.32 -3.88
CA CYS B 238 -0.99 -15.03 -4.53
C CYS B 238 -2.28 -14.23 -4.29
N ASN B 239 -3.42 -14.88 -4.47
CA ASN B 239 -4.71 -14.22 -4.23
C ASN B 239 -4.81 -13.75 -2.77
N LYS B 240 -4.29 -14.53 -1.84
CA LYS B 240 -4.24 -14.13 -0.43
C LYS B 240 -3.42 -12.86 -0.21
N LEU B 241 -2.24 -12.80 -0.82
CA LEU B 241 -1.37 -11.65 -0.64
C LEU B 241 -2.01 -10.38 -1.22
N VAL B 242 -2.67 -10.52 -2.37
CA VAL B 242 -3.34 -9.41 -3.00
C VAL B 242 -4.49 -8.93 -2.12
N PHE B 243 -5.30 -9.89 -1.66
CA PHE B 243 -6.39 -9.57 -0.72
C PHE B 243 -5.87 -8.81 0.50
N GLU B 244 -4.77 -9.28 1.10
CA GLU B 244 -4.26 -8.63 2.31
C GLU B 244 -3.79 -7.20 2.06
N LEU B 245 -3.26 -6.94 0.85
CA LEU B 245 -2.80 -5.60 0.45
C LEU B 245 -3.88 -4.69 -0.18
N SER B 246 -5.09 -5.22 -0.35
CA SER B 246 -6.11 -4.53 -1.13
C SER B 246 -6.76 -3.40 -0.36
N ALA B 247 -7.61 -2.66 -1.06
CA ALA B 247 -8.38 -1.57 -0.48
C ALA B 247 -8.99 -1.99 0.84
N SER B 248 -8.85 -1.12 1.82
CA SER B 248 -9.34 -1.44 3.15
C SER B 248 -9.85 -0.22 3.89
N ASP B 249 -10.99 -0.42 4.57
CA ASP B 249 -11.67 0.67 5.25
C ASP B 249 -11.45 0.57 6.75
N GLN B 250 -10.54 -0.30 7.17
CA GLN B 250 -10.20 -0.45 8.59
C GLN B 250 -9.42 0.77 9.08
N PRO B 251 -9.73 1.26 10.29
CA PRO B 251 -8.80 2.28 10.82
C PRO B 251 -7.36 1.78 10.93
N LYS B 252 -6.39 2.65 10.69
CA LYS B 252 -5.01 2.21 10.72
C LYS B 252 -4.41 2.35 12.11
N GLN B 253 -5.13 3.06 12.98
CA GLN B 253 -4.72 3.27 14.38
C GLN B 253 -5.87 2.87 15.32
N TYR B 254 -5.64 3.05 16.63
CA TYR B 254 -6.65 2.71 17.62
C TYR B 254 -7.26 3.93 18.29
N GLU B 255 -8.55 3.82 18.55
CA GLU B 255 -9.27 4.75 19.39
C GLU B 255 -9.23 4.24 20.84
N GLN B 256 -8.86 5.13 21.77
CA GLN B 256 -8.76 4.77 23.18
C GLN B 256 -10.06 4.22 23.76
N HIS B 257 -11.16 4.91 23.49
CA HIS B 257 -12.45 4.57 24.07
C HIS B 257 -12.94 3.24 23.49
N LEU B 258 -13.27 2.28 24.36
CA LEU B 258 -13.61 0.92 23.93
C LEU B 258 -14.81 0.88 22.98
N THR B 259 -15.83 1.66 23.29
CA THR B 259 -17.06 1.59 22.52
C THR B 259 -16.88 2.33 21.19
N GLN B 260 -16.12 3.42 21.20
CA GLN B 260 -15.84 4.14 19.97
C GLN B 260 -14.98 3.29 19.02
N GLN B 261 -13.96 2.63 19.55
CA GLN B 261 -13.17 1.73 18.71
C GLN B 261 -14.07 0.67 18.07
N ALA B 262 -14.98 0.09 18.85
CA ALA B 262 -15.87 -0.91 18.28
C ALA B 262 -16.69 -0.33 17.14
N LYS B 263 -17.21 0.88 17.31
CA LYS B 263 -18.01 1.48 16.26
C LYS B 263 -17.13 1.79 15.01
N ASP B 264 -15.89 2.19 15.26
CA ASP B 264 -14.96 2.48 14.17
C ASP B 264 -14.59 1.25 13.34
N ILE B 265 -14.69 0.06 13.93
CA ILE B 265 -14.42 -1.18 13.18
C ILE B 265 -15.70 -1.78 12.60
N GLY B 266 -16.81 -1.07 12.72
CA GLY B 266 -18.06 -1.50 12.10
C GLY B 266 -19.07 -2.20 12.98
N ALA B 267 -18.88 -2.15 14.29
CA ALA B 267 -19.88 -2.71 15.20
C ALA B 267 -21.20 -1.97 14.96
N GLY B 268 -22.28 -2.72 14.79
CA GLY B 268 -23.59 -2.14 14.59
C GLY B 268 -24.43 -2.12 15.85
N PRO B 269 -25.70 -1.70 15.69
CA PRO B 269 -26.61 -1.58 16.83
C PRO B 269 -27.09 -2.94 17.31
N VAL B 270 -27.41 -3.02 18.59
CA VAL B 270 -28.02 -4.22 19.16
C VAL B 270 -29.52 -4.15 18.90
N ALA B 271 -30.01 -5.05 18.05
CA ALA B 271 -31.43 -5.10 17.69
C ALA B 271 -31.98 -6.50 17.90
N SER B 272 -33.19 -6.60 18.44
CA SER B 272 -33.78 -7.91 18.72
C SER B 272 -35.09 -8.12 17.95
N CYS B 273 -35.67 -7.02 17.47
CA CYS B 273 -36.87 -7.08 16.65
C CYS B 273 -36.68 -6.26 15.40
N PHE B 274 -37.35 -6.67 14.33
CA PHE B 274 -37.19 -6.07 13.01
C PHE B 274 -38.51 -5.94 12.29
N THR B 275 -38.58 -4.99 11.35
CA THR B 275 -39.63 -4.97 10.35
C THR B 275 -38.98 -5.07 8.99
N THR B 276 -39.73 -5.51 7.98
CA THR B 276 -39.17 -5.70 6.66
C THR B 276 -39.36 -4.47 5.79
N ARG B 277 -38.55 -4.36 4.74
CA ARG B 277 -38.61 -3.24 3.80
C ARG B 277 -39.56 -3.56 2.65
N MET B 278 -39.67 -4.84 2.32
CA MET B 278 -40.48 -5.31 1.20
C MET B 278 -41.79 -5.95 1.68
N SER B 279 -42.87 -5.63 0.97
CA SER B 279 -44.21 -6.03 1.39
C SER B 279 -44.45 -7.55 1.26
N PRO B 280 -45.35 -8.10 2.09
CA PRO B 280 -46.07 -7.38 3.15
C PRO B 280 -45.13 -7.10 4.32
N PRO B 281 -45.17 -5.88 4.87
CA PRO B 281 -44.28 -5.71 6.03
C PRO B 281 -44.67 -6.63 7.17
N GLN B 282 -43.72 -7.44 7.61
CA GLN B 282 -43.93 -8.36 8.71
C GLN B 282 -42.99 -8.00 9.85
N GLN B 283 -43.46 -8.22 11.08
CA GLN B 283 -42.64 -7.97 12.25
C GLN B 283 -41.95 -9.26 12.65
N ILE B 284 -40.63 -9.20 12.76
CA ILE B 284 -39.82 -10.39 13.04
C ILE B 284 -38.89 -10.12 14.22
N CYS B 285 -38.86 -11.07 15.16
CA CYS B 285 -38.00 -10.95 16.34
C CYS B 285 -37.08 -12.14 16.50
N LEU B 286 -35.91 -11.89 17.09
CA LEU B 286 -35.06 -13.00 17.53
C LEU B 286 -35.81 -13.82 18.57
N ASN B 287 -35.66 -15.13 18.49
CA ASN B 287 -36.24 -16.01 19.51
C ASN B 287 -35.59 -15.72 20.86
N SER B 288 -34.31 -15.38 20.82
CA SER B 288 -33.52 -15.13 22.03
C SER B 288 -32.67 -13.87 21.84
N VAL B 289 -32.52 -13.11 22.92
CA VAL B 289 -31.67 -11.92 22.91
C VAL B 289 -30.19 -12.31 22.84
N VAL B 290 -29.42 -11.53 22.11
CA VAL B 290 -27.99 -11.78 21.95
C VAL B 290 -27.27 -11.57 23.29
N ASN B 291 -26.28 -12.43 23.54
CA ASN B 291 -25.44 -12.33 24.74
C ASN B 291 -24.90 -10.91 24.89
N THR B 292 -25.11 -10.29 26.05
CA THR B 292 -24.71 -8.89 26.22
C THR B 292 -23.19 -8.72 26.26
N ALA B 293 -22.44 -9.81 26.43
CA ALA B 293 -20.97 -9.74 26.35
C ALA B 293 -20.54 -9.20 24.99
N LEU B 294 -21.33 -9.45 23.96
CA LEU B 294 -20.97 -8.97 22.63
C LEU B 294 -21.05 -7.45 22.54
N SER B 295 -21.79 -6.80 23.44
CA SER B 295 -21.85 -5.33 23.49
C SER B 295 -21.10 -4.78 24.70
N GLY B 296 -20.24 -5.61 25.29
CA GLY B 296 -19.34 -5.15 26.35
C GLY B 296 -19.91 -5.31 27.75
N GLY B 297 -21.03 -6.03 27.86
CA GLY B 297 -21.60 -6.30 29.17
C GLY B 297 -22.19 -5.05 29.80
N SER B 298 -22.50 -5.12 31.09
CA SER B 298 -23.13 -4.00 31.79
C SER B 298 -22.22 -2.80 31.96
N GLY B 299 -20.92 -3.04 31.91
CA GLY B 299 -19.94 -1.98 32.15
C GLY B 299 -19.44 -1.29 30.91
N GLY B 300 -19.94 -1.66 29.74
CA GLY B 300 -19.50 -1.04 28.49
C GLY B 300 -18.04 -1.33 28.17
N GLY B 301 -17.67 -2.60 28.24
CA GLY B 301 -16.30 -3.02 27.94
C GLY B 301 -16.12 -3.23 26.44
N ASN B 302 -15.05 -3.93 26.05
CA ASN B 302 -14.78 -4.11 24.63
C ASN B 302 -15.94 -4.85 23.96
N ALA B 303 -16.16 -4.55 22.69
CA ALA B 303 -17.43 -4.88 22.04
C ALA B 303 -17.30 -5.13 20.55
N ALA B 304 -18.25 -5.90 20.03
CA ALA B 304 -18.42 -6.09 18.59
C ALA B 304 -19.79 -5.59 18.13
N MET B 305 -20.59 -5.08 19.06
CA MET B 305 -21.89 -4.48 18.76
CA MET B 305 -21.89 -4.48 18.78
C MET B 305 -22.10 -3.35 19.78
N ILE B 306 -22.95 -2.37 19.43
CA ILE B 306 -23.06 -1.13 20.21
C ILE B 306 -24.39 -0.96 20.94
N LYS B 307 -24.26 -0.64 22.23
CA LYS B 307 -25.33 0.02 23.00
C LYS B 307 -24.93 1.49 23.11
N SER B 308 -25.76 2.37 22.53
CA SER B 308 -25.41 3.78 22.37
C SER B 308 -25.08 4.48 23.69
N ALA B 309 -25.68 3.99 24.77
CA ALA B 309 -25.41 4.53 26.09
C ALA B 309 -23.93 4.54 26.46
N PHE B 310 -23.16 3.60 25.91
CA PHE B 310 -21.75 3.49 26.24
C PHE B 310 -20.84 4.43 25.44
N LEU B 311 -21.37 5.04 24.39
CA LEU B 311 -20.54 5.88 23.51
C LEU B 311 -20.14 7.20 24.16
N PRO B 312 -18.94 7.71 23.82
CA PRO B 312 -18.50 9.02 24.31
C PRO B 312 -19.15 10.17 23.54
N THR B 313 -18.95 11.39 24.03
CA THR B 313 -19.48 12.58 23.35
C THR B 313 -18.51 13.05 22.27
N TYR B 321 -11.32 7.13 7.04
CA TYR B 321 -11.04 5.69 7.06
C TYR B 321 -11.39 5.01 5.73
N LYS B 322 -12.20 5.67 4.90
CA LYS B 322 -12.72 5.03 3.70
C LYS B 322 -11.70 5.02 2.54
N SER B 323 -11.51 3.83 1.96
CA SER B 323 -10.63 3.64 0.81
C SER B 323 -11.31 4.08 -0.48
N HIS B 324 -12.63 3.95 -0.52
CA HIS B 324 -13.40 4.13 -1.74
C HIS B 324 -12.86 3.27 -2.87
N GLY B 325 -12.28 2.13 -2.52
CA GLY B 325 -11.85 1.16 -3.51
C GLY B 325 -10.40 1.24 -3.91
N LYS B 326 -9.68 2.26 -3.44
CA LYS B 326 -8.27 2.46 -3.80
C LYS B 326 -7.37 1.51 -3.03
N GLY B 327 -6.52 0.79 -3.74
CA GLY B 327 -5.57 -0.10 -3.09
C GLY B 327 -4.83 -1.00 -4.04
N TYR B 328 -4.03 -1.91 -3.49
CA TYR B 328 -3.31 -2.89 -4.29
C TYR B 328 -4.24 -4.05 -4.59
N ASN B 329 -5.08 -3.90 -5.61
CA ASN B 329 -6.22 -4.79 -5.79
C ASN B 329 -6.01 -5.91 -6.81
N TRP B 330 -4.85 -5.89 -7.48
CA TRP B 330 -4.55 -6.76 -8.61
C TRP B 330 -3.22 -7.48 -8.44
N GLY B 331 -3.15 -8.69 -8.99
CA GLY B 331 -1.88 -9.37 -9.11
C GLY B 331 -1.73 -10.20 -10.36
N ASN B 332 -0.50 -10.27 -10.86
CA ASN B 332 -0.14 -11.22 -11.91
C ASN B 332 0.67 -12.34 -11.28
N TYR B 333 0.18 -13.58 -11.37
CA TYR B 333 0.88 -14.69 -10.77
C TYR B 333 1.68 -15.46 -11.80
N ASN B 334 2.99 -15.53 -11.61
CA ASN B 334 3.85 -16.35 -12.45
C ASN B 334 3.93 -17.75 -11.89
N THR B 335 3.36 -18.70 -12.63
CA THR B 335 3.26 -20.07 -12.17
C THR B 335 4.60 -20.80 -12.28
N GLU B 336 5.47 -20.29 -13.14
CA GLU B 336 6.79 -20.91 -13.37
C GLU B 336 7.74 -20.56 -12.25
N THR B 337 7.82 -19.28 -11.93
CA THR B 337 8.72 -18.77 -10.92
C THR B 337 8.10 -18.70 -9.52
N GLN B 338 6.80 -18.93 -9.43
CA GLN B 338 6.08 -18.85 -8.14
C GLN B 338 6.27 -17.47 -7.51
N LYS B 339 5.91 -16.46 -8.31
CA LYS B 339 6.00 -15.07 -7.90
C LYS B 339 4.67 -14.38 -8.14
N CYS B 340 4.24 -13.61 -7.14
CA CYS B 340 3.03 -12.80 -7.17
C CYS B 340 3.43 -11.35 -7.43
N GLU B 341 3.00 -10.76 -8.56
CA GLU B 341 3.33 -9.40 -8.95
C GLU B 341 2.15 -8.52 -8.65
N ILE B 342 2.23 -7.76 -7.55
CA ILE B 342 1.10 -7.01 -7.03
C ILE B 342 1.25 -5.53 -7.36
N PHE B 343 0.13 -4.89 -7.73
CA PHE B 343 0.17 -3.50 -8.15
C PHE B 343 -1.12 -2.77 -7.82
N ASN B 344 -1.08 -1.45 -7.95
CA ASN B 344 -2.15 -0.58 -7.48
C ASN B 344 -2.55 0.46 -8.53
N VAL B 345 -2.52 0.06 -9.79
CA VAL B 345 -3.01 0.92 -10.87
C VAL B 345 -3.98 0.08 -11.71
N LYS B 346 -5.04 0.73 -12.15
CA LYS B 346 -6.05 0.05 -12.95
C LYS B 346 -5.45 -0.54 -14.22
N PRO B 347 -5.65 -1.84 -14.45
CA PRO B 347 -5.11 -2.44 -15.69
C PRO B 347 -6.05 -2.17 -16.85
N THR B 348 -5.52 -2.06 -18.07
CA THR B 348 -6.37 -1.69 -19.19
C THR B 348 -6.30 -2.64 -20.37
N CYS B 349 -5.54 -3.72 -20.25
CA CYS B 349 -5.53 -4.76 -21.28
C CYS B 349 -4.93 -6.04 -20.73
N LEU B 350 -4.97 -7.10 -21.53
CA LEU B 350 -4.36 -8.38 -21.19
C LEU B 350 -3.24 -8.71 -22.15
N ILE B 351 -2.22 -9.36 -21.59
CA ILE B 351 -1.11 -9.95 -22.33
C ILE B 351 -1.22 -11.46 -22.29
N ASN B 352 -1.19 -12.13 -23.43
CA ASN B 352 -1.13 -13.59 -23.46
C ASN B 352 0.25 -14.07 -23.06
N ASP B 353 0.30 -14.90 -22.01
CA ASP B 353 1.56 -15.47 -21.52
C ASP B 353 1.23 -16.76 -20.78
N LYS B 354 1.73 -17.86 -21.30
CA LYS B 354 1.44 -19.18 -20.77
C LYS B 354 1.89 -19.36 -19.32
N ASN B 355 2.77 -18.51 -18.84
CA ASN B 355 3.31 -18.66 -17.50
C ASN B 355 2.56 -17.85 -16.47
N TYR B 356 1.46 -17.20 -16.87
CA TYR B 356 0.77 -16.28 -15.96
C TYR B 356 -0.71 -16.57 -15.74
N ILE B 357 -1.18 -16.18 -14.56
CA ILE B 357 -2.59 -16.15 -14.24
C ILE B 357 -2.88 -14.78 -13.66
N ALA B 358 -3.94 -14.11 -14.14
CA ALA B 358 -4.29 -12.79 -13.65
C ALA B 358 -5.38 -12.88 -12.57
N THR B 359 -5.11 -12.31 -11.40
CA THR B 359 -6.01 -12.40 -10.26
C THR B 359 -6.33 -11.01 -9.70
N THR B 360 -7.39 -10.93 -8.88
CA THR B 360 -7.72 -9.71 -8.14
C THR B 360 -8.16 -10.07 -6.74
N ALA B 361 -8.17 -9.08 -5.87
CA ALA B 361 -8.58 -9.27 -4.49
C ALA B 361 -10.02 -9.78 -4.39
N LEU B 362 -10.84 -9.44 -5.38
CA LEU B 362 -12.25 -9.86 -5.43
C LEU B 362 -12.42 -11.27 -5.97
N SER B 363 -11.44 -11.72 -6.73
CA SER B 363 -11.55 -12.99 -7.44
C SER B 363 -11.55 -14.21 -6.53
N HIS B 364 -12.19 -15.26 -7.00
CA HIS B 364 -12.09 -16.55 -6.36
C HIS B 364 -10.61 -16.94 -6.25
N PRO B 365 -10.20 -17.58 -5.15
CA PRO B 365 -8.77 -17.85 -4.98
C PRO B 365 -8.23 -19.03 -5.80
N ILE B 366 -9.11 -19.81 -6.41
CA ILE B 366 -8.73 -21.03 -7.13
C ILE B 366 -9.20 -21.09 -8.59
N GLU B 367 -10.47 -20.76 -8.83
CA GLU B 367 -11.08 -21.00 -10.14
C GLU B 367 -10.44 -20.16 -11.23
N VAL B 368 -10.21 -20.79 -12.37
CA VAL B 368 -9.62 -20.13 -13.54
C VAL B 368 -10.52 -20.30 -14.76
N GLU B 369 -10.41 -19.36 -15.69
CA GLU B 369 -11.08 -19.47 -17.00
C GLU B 369 -10.20 -18.86 -18.09
N ALA B 370 -10.62 -19.04 -19.34
CA ALA B 370 -9.92 -18.47 -20.48
C ALA B 370 -10.14 -16.97 -20.57
N ALA B 371 -9.09 -16.26 -21.01
CA ALA B 371 -9.13 -14.81 -21.13
C ALA B 371 -9.86 -14.38 -22.40
#